data_5ONT
#
_entry.id   5ONT
#
_cell.length_a   86.898
_cell.length_b   158.760
_cell.length_c   87.720
_cell.angle_alpha   90.00
_cell.angle_beta   90.00
_cell.angle_gamma   90.00
#
_symmetry.space_group_name_H-M   'P 21 21 2'
#
loop_
_entity.id
_entity.type
_entity.pdbx_description
1 polymer 'Uncharacterized protein'
2 non-polymer GLYCEROL
3 non-polymer '1,3-dihydroxypropan-2-yl alpha-D-glucopyranoside'
4 water water
#
_entity_poly.entity_id   1
_entity_poly.type   'polypeptide(L)'
_entity_poly.pdbx_seq_one_letter_code
;GAMPHDPSFTPTQLAARAAYLLRGNDLGTMTTAAPLLYPHMWSWDAAFVAIGLAPLSVERAVVELDTLLSAQWRNGMIPH
IVFANGVDGYFPGPARWATATLADNAPRNRLTSGITQPPVHAIAVQRILEHARTRGRSTRAVAEAFLDRRWGDLMRWHRW
LAECRDRNERGRITLYHGWESGMDNSPRWDSAYANVVPGKLPEYQRADNVIITDPSQRPSDGEYDRYLWLLEEMKAVRYD
DERLPSVMSFQVEDVFFSAIFSVACQVLAEIGEDYKRPHADVKDLYLWAERFRAGVVETTDQRTGAARDFDVLAEKWLVT
ETAAQFAPLLCGGLPHDRERALLKLLEGPRFCGHPDLKYGLIPSTSPVSRDFRPREYWRGPVWPVLTWLFSWCFARRGWA
ERARLLRQEGLRQASDGSFAAYYEPFTGEPLGSMQQSWTAAAVLDWLG
;
_entity_poly.pdbx_strand_id   A,B
#
loop_
_chem_comp.id
_chem_comp.type
_chem_comp.name
_chem_comp.formula
A0K D-saccharide '1,3-dihydroxypropan-2-yl alpha-D-glucopyranoside' 'C9 H18 O8'
GOL non-polymer GLYCEROL 'C3 H8 O3'
#
# COMPACT_ATOMS: atom_id res chain seq x y z
N PRO A 4 -35.94 7.76 6.50
CA PRO A 4 -36.85 6.70 6.04
C PRO A 4 -36.20 5.58 5.22
N HIS A 5 -36.29 5.67 3.90
CA HIS A 5 -35.93 4.52 3.06
C HIS A 5 -34.44 4.21 3.10
N ASP A 6 -33.59 5.22 3.33
CA ASP A 6 -32.14 5.01 3.41
C ASP A 6 -31.57 5.91 4.51
N PRO A 7 -31.24 5.35 5.67
CA PRO A 7 -30.72 6.16 6.78
C PRO A 7 -29.23 6.47 6.68
N SER A 8 -28.56 6.11 5.61
CA SER A 8 -27.14 6.39 5.53
C SER A 8 -26.86 7.85 5.15
N PHE A 9 -25.69 8.33 5.52
CA PHE A 9 -25.24 9.65 5.10
C PHE A 9 -24.38 9.53 3.83
N THR A 10 -24.44 10.57 2.99
CA THR A 10 -23.48 10.72 1.88
C THR A 10 -22.07 10.87 2.46
N PRO A 11 -21.03 10.64 1.65
CA PRO A 11 -19.65 10.86 2.14
C PRO A 11 -19.40 12.25 2.71
N THR A 12 -19.90 13.32 2.06
CA THR A 12 -19.69 14.66 2.59
C THR A 12 -20.47 14.88 3.89
N GLN A 13 -21.72 14.41 3.96
CA GLN A 13 -22.44 14.54 5.23
C GLN A 13 -21.74 13.76 6.34
N LEU A 14 -21.23 12.57 6.00
CA LEU A 14 -20.58 11.76 7.02
C LEU A 14 -19.29 12.44 7.50
N ALA A 15 -18.48 12.94 6.57
CA ALA A 15 -17.26 13.64 6.95
C ALA A 15 -17.58 14.85 7.81
N ALA A 16 -18.61 15.60 7.44
CA ALA A 16 -19.00 16.76 8.23
C ALA A 16 -19.43 16.35 9.63
N ARG A 17 -20.24 15.32 9.74
CA ARG A 17 -20.68 14.89 11.06
C ARG A 17 -19.54 14.32 11.89
N ALA A 18 -18.57 13.65 11.26
CA ALA A 18 -17.43 13.14 12.02
C ALA A 18 -16.61 14.29 12.58
N ALA A 19 -16.38 15.32 11.78
CA ALA A 19 -15.60 16.46 12.25
C ALA A 19 -16.37 17.24 13.31
N TYR A 20 -17.69 17.36 13.11
CA TYR A 20 -18.54 17.99 14.11
C TYR A 20 -18.42 17.31 15.46
N LEU A 21 -18.40 15.97 15.47
CA LEU A 21 -18.26 15.22 16.72
C LEU A 21 -16.90 15.46 17.36
N LEU A 22 -15.82 15.43 16.57
CA LEU A 22 -14.48 15.56 17.16
C LEU A 22 -14.33 16.91 17.84
N ARG A 23 -14.86 17.96 17.21
CA ARG A 23 -14.76 19.29 17.82
C ARG A 23 -15.67 19.38 19.03
N GLY A 24 -16.83 18.69 19.01
CA GLY A 24 -17.72 18.72 20.17
C GLY A 24 -17.10 18.03 21.38
N ASN A 25 -16.20 17.07 21.15
CA ASN A 25 -15.56 16.34 22.24
C ASN A 25 -14.28 17.01 22.72
N ASP A 26 -13.92 18.15 22.12
CA ASP A 26 -12.69 18.87 22.44
C ASP A 26 -12.91 19.70 23.71
N LEU A 27 -12.19 19.36 24.79
CA LEU A 27 -12.25 20.17 26.01
C LEU A 27 -11.39 21.43 25.94
N GLY A 28 -10.54 21.56 24.94
CA GLY A 28 -9.63 22.71 24.89
C GLY A 28 -8.29 22.30 24.34
N THR A 29 -7.58 21.48 25.10
CA THR A 29 -6.31 20.92 24.67
C THR A 29 -6.31 19.40 24.72
N MET A 30 -7.42 18.79 25.12
CA MET A 30 -7.58 17.35 25.02
C MET A 30 -8.98 17.02 24.52
N THR A 31 -9.12 15.88 23.87
CA THR A 31 -10.38 15.38 23.33
C THR A 31 -10.82 14.17 24.15
N THR A 32 -12.05 14.20 24.67
CA THR A 32 -12.54 13.05 25.41
C THR A 32 -12.66 11.86 24.47
N ALA A 33 -12.45 10.65 25.01
CA ALA A 33 -12.61 9.45 24.22
C ALA A 33 -14.06 9.28 23.80
N ALA A 34 -15.00 9.59 24.72
CA ALA A 34 -16.41 9.63 24.40
C ALA A 34 -17.06 10.52 25.45
N PRO A 35 -18.03 11.37 25.08
CA PRO A 35 -18.50 12.42 25.99
C PRO A 35 -19.09 11.94 27.30
N LEU A 36 -19.77 10.81 27.34
CA LEU A 36 -20.34 10.40 28.62
C LEU A 36 -19.63 9.23 29.28
N LEU A 37 -19.33 8.17 28.53
CA LEU A 37 -18.72 6.99 29.15
C LEU A 37 -17.28 7.28 29.56
N TYR A 38 -16.53 7.95 28.69
CA TYR A 38 -15.07 8.06 28.80
C TYR A 38 -14.68 9.54 28.69
N PRO A 39 -15.04 10.39 29.69
CA PRO A 39 -14.89 11.83 29.50
C PRO A 39 -13.49 12.36 29.81
N HIS A 40 -12.47 11.61 29.40
CA HIS A 40 -11.08 11.97 29.63
C HIS A 40 -10.29 11.58 28.39
N MET A 41 -8.99 11.86 28.41
CA MET A 41 -8.09 11.48 27.33
C MET A 41 -7.57 10.06 27.58
N TRP A 42 -7.88 9.13 26.66
CA TRP A 42 -7.29 7.81 26.67
C TRP A 42 -6.12 7.79 25.68
N SER A 43 -5.07 7.05 26.02
CA SER A 43 -3.81 7.14 25.27
C SER A 43 -3.94 6.67 23.82
N TRP A 44 -4.38 5.42 23.57
CA TRP A 44 -4.37 5.09 22.16
C TRP A 44 -5.55 5.72 21.42
N ASP A 45 -6.66 6.05 22.11
CA ASP A 45 -7.67 6.91 21.50
C ASP A 45 -7.08 8.25 21.08
N ALA A 46 -6.23 8.85 21.92
CA ALA A 46 -5.70 10.17 21.58
C ALA A 46 -4.84 10.11 20.32
N ALA A 47 -4.14 9.00 20.08
CA ALA A 47 -3.39 8.86 18.83
C ALA A 47 -4.34 8.84 17.63
N PHE A 48 -5.46 8.12 17.74
CA PHE A 48 -6.42 8.11 16.65
C PHE A 48 -7.08 9.47 16.48
N VAL A 49 -7.39 10.14 17.59
CA VAL A 49 -7.93 11.51 17.51
C VAL A 49 -6.98 12.41 16.74
N ALA A 50 -5.69 12.36 17.05
CA ALA A 50 -4.71 13.17 16.30
C ALA A 50 -4.76 12.84 14.80
N ILE A 51 -4.95 11.57 14.45
CA ILE A 51 -5.12 11.18 13.05
C ILE A 51 -6.36 11.82 12.44
N GLY A 52 -7.48 11.81 13.18
CA GLY A 52 -8.69 12.44 12.70
C GLY A 52 -8.61 13.96 12.65
N LEU A 53 -7.81 14.58 13.52
CA LEU A 53 -7.66 16.03 13.47
C LEU A 53 -6.73 16.48 12.37
N ALA A 54 -5.77 15.66 11.97
CA ALA A 54 -4.80 16.11 10.98
C ALA A 54 -5.40 16.71 9.70
N PRO A 55 -6.47 16.16 9.09
CA PRO A 55 -7.05 16.83 7.90
C PRO A 55 -7.80 18.11 8.24
N LEU A 56 -8.15 18.34 9.50
CA LEU A 56 -8.90 19.52 9.91
C LEU A 56 -8.00 20.66 10.38
N SER A 57 -6.92 20.32 11.10
CA SER A 57 -6.04 21.35 11.64
C SER A 57 -4.76 20.66 12.12
N VAL A 58 -3.66 20.83 11.40
CA VAL A 58 -2.41 20.23 11.87
C VAL A 58 -2.03 20.78 13.24
N GLU A 59 -2.27 22.10 13.47
CA GLU A 59 -1.90 22.69 14.76
C GLU A 59 -2.66 22.02 15.89
N ARG A 60 -3.96 21.76 15.70
CA ARG A 60 -4.71 21.13 16.78
C ARG A 60 -4.35 19.67 16.92
N ALA A 61 -4.01 18.97 15.82
CA ALA A 61 -3.59 17.57 15.97
C ALA A 61 -2.31 17.47 16.79
N VAL A 62 -1.36 18.36 16.52
CA VAL A 62 -0.12 18.42 17.28
C VAL A 62 -0.42 18.72 18.76
N VAL A 63 -1.35 19.64 19.02
CA VAL A 63 -1.74 19.92 20.40
C VAL A 63 -2.24 18.66 21.11
N GLU A 64 -3.00 17.81 20.42
CA GLU A 64 -3.48 16.59 21.09
C GLU A 64 -2.31 15.74 21.58
N LEU A 65 -1.30 15.53 20.74
CA LEU A 65 -0.16 14.71 21.17
C LEU A 65 0.70 15.44 22.19
N ASP A 66 0.80 16.77 22.10
CA ASP A 66 1.53 17.53 23.13
C ASP A 66 0.91 17.35 24.51
N THR A 67 -0.42 17.40 24.58
CA THR A 67 -1.09 17.23 25.86
C THR A 67 -0.83 15.85 26.44
N LEU A 68 -0.90 14.82 25.59
CA LEU A 68 -0.65 13.46 26.06
C LEU A 68 0.78 13.29 26.52
N LEU A 69 1.75 13.74 25.71
CA LEU A 69 3.17 13.65 26.11
C LEU A 69 3.52 14.54 27.30
N SER A 70 2.74 15.60 27.59
CA SER A 70 2.97 16.33 28.83
C SER A 70 2.57 15.51 30.05
N ALA A 71 1.81 14.43 29.87
CA ALA A 71 1.46 13.53 30.95
C ALA A 71 2.39 12.32 31.01
N GLN A 72 3.43 12.28 30.18
CA GLN A 72 4.32 11.12 30.18
C GLN A 72 5.07 11.04 31.50
N TRP A 73 5.20 9.82 32.02
CA TRP A 73 5.91 9.60 33.28
C TRP A 73 7.40 9.85 33.11
N ARG A 74 8.07 10.08 34.23
CA ARG A 74 9.49 10.38 34.22
C ARG A 74 10.33 9.21 33.69
N ASN A 75 9.81 7.98 33.73
CA ASN A 75 10.54 6.85 33.18
C ASN A 75 10.22 6.59 31.71
N GLY A 76 9.34 7.36 31.09
CA GLY A 76 8.99 7.22 29.68
C GLY A 76 7.61 6.66 29.43
N MET A 77 6.99 6.00 30.41
CA MET A 77 5.66 5.43 30.21
C MET A 77 4.65 6.51 29.88
N ILE A 78 3.88 6.26 28.82
CA ILE A 78 2.67 7.03 28.52
C ILE A 78 1.51 6.35 29.24
N PRO A 79 0.87 6.99 30.21
CA PRO A 79 -0.23 6.33 30.92
C PRO A 79 -1.48 6.28 30.05
N HIS A 80 -2.37 5.33 30.37
CA HIS A 80 -3.48 5.08 29.45
C HIS A 80 -4.64 6.06 29.61
N ILE A 81 -4.74 6.75 30.75
CA ILE A 81 -5.72 7.82 30.96
C ILE A 81 -5.00 9.06 31.47
N VAL A 82 -5.31 10.21 30.86
CA VAL A 82 -4.97 11.53 31.37
C VAL A 82 -6.29 12.17 31.73
N PHE A 83 -6.53 12.36 33.01
CA PHE A 83 -7.83 12.83 33.47
C PHE A 83 -7.99 14.31 33.19
N ALA A 84 -9.22 14.71 32.87
CA ALA A 84 -9.53 16.11 32.63
C ALA A 84 -9.64 16.82 33.98
N ASN A 85 -9.15 18.06 34.02
CA ASN A 85 -9.00 18.74 35.30
C ASN A 85 -10.26 18.60 36.15
N GLY A 86 -11.42 18.90 35.59
CA GLY A 86 -12.63 18.69 36.34
C GLY A 86 -13.62 17.75 35.67
N VAL A 87 -13.66 16.48 36.12
CA VAL A 87 -14.74 15.55 35.79
C VAL A 87 -14.62 14.32 36.68
N ASP A 88 -15.77 13.76 37.11
CA ASP A 88 -15.81 12.61 38.00
C ASP A 88 -16.69 11.48 37.49
N GLY A 89 -17.20 11.57 36.25
CA GLY A 89 -18.13 10.59 35.72
C GLY A 89 -17.49 9.29 35.28
N TYR A 90 -16.26 9.03 35.74
CA TYR A 90 -15.56 7.79 35.44
C TYR A 90 -14.93 7.23 36.71
N PHE A 91 -14.94 5.88 36.82
CA PHE A 91 -14.28 5.15 37.89
C PHE A 91 -13.55 3.95 37.27
N PRO A 92 -12.30 3.69 37.66
CA PRO A 92 -11.50 4.32 38.72
C PRO A 92 -10.90 5.67 38.33
N GLY A 93 -11.08 6.67 39.20
CA GLY A 93 -10.58 7.99 38.94
C GLY A 93 -9.27 8.24 39.63
N PRO A 94 -8.81 9.49 39.60
CA PRO A 94 -7.49 9.83 40.17
C PRO A 94 -7.32 9.40 41.62
N ALA A 95 -8.38 9.46 42.42
CA ALA A 95 -8.27 9.06 43.83
C ALA A 95 -7.96 7.58 43.94
N ARG A 96 -8.58 6.75 43.10
CA ARG A 96 -8.41 5.30 43.23
C ARG A 96 -7.02 4.86 42.78
N TRP A 97 -6.50 5.47 41.71
CA TRP A 97 -5.17 5.16 41.22
C TRP A 97 -4.10 5.65 42.20
N ALA A 98 -4.32 6.82 42.77
CA ALA A 98 -3.43 7.45 43.74
C ALA A 98 -2.00 7.60 43.21
N THR A 99 -1.82 7.62 41.89
CA THR A 99 -0.48 7.77 41.34
C THR A 99 0.12 9.12 41.71
N ALA A 100 -0.71 10.16 41.88
CA ALA A 100 -0.20 11.46 42.29
C ALA A 100 0.56 11.36 43.60
N THR A 101 0.11 10.52 44.52
CA THR A 101 0.81 10.41 45.80
C THR A 101 1.81 9.27 45.83
N LEU A 102 1.51 8.15 45.17
CA LEU A 102 2.33 6.95 45.37
C LEU A 102 3.45 6.79 44.35
N ALA A 103 3.28 7.31 43.15
CA ALA A 103 4.14 6.94 42.02
C ALA A 103 5.25 7.96 41.88
N ASP A 104 6.48 7.58 42.25
CA ASP A 104 7.65 8.44 42.06
C ASP A 104 7.74 9.01 40.63
N ASN A 105 7.34 8.25 39.62
CA ASN A 105 7.52 8.68 38.24
C ASN A 105 6.32 9.43 37.67
N ALA A 106 5.27 9.67 38.45
CA ALA A 106 4.08 10.30 37.89
C ALA A 106 4.38 11.75 37.48
N PRO A 107 3.68 12.26 36.48
CA PRO A 107 3.94 13.64 36.03
C PRO A 107 3.52 14.65 37.08
N ARG A 108 4.07 15.85 36.91
N ARG A 108 4.06 15.86 36.99
CA ARG A 108 3.73 17.01 37.70
CA ARG A 108 3.87 16.79 38.10
C ARG A 108 2.58 17.76 37.03
C ARG A 108 2.63 17.67 37.98
N ASN A 109 1.51 17.97 37.79
N ASN A 109 2.15 17.97 36.78
CA ASN A 109 0.38 18.82 37.41
CA ASN A 109 0.99 18.85 36.66
C ASN A 109 -0.43 18.23 36.25
C ASN A 109 -0.10 18.22 35.80
N ARG A 110 -0.33 16.93 36.01
CA ARG A 110 -1.36 16.18 35.31
C ARG A 110 -1.77 15.05 36.26
N LEU A 111 -3.04 14.66 36.20
CA LEU A 111 -3.47 13.44 36.88
C LEU A 111 -3.66 12.36 35.85
N THR A 112 -3.12 11.16 36.13
CA THR A 112 -3.12 10.08 35.15
C THR A 112 -3.38 8.75 35.85
N SER A 113 -3.59 7.71 35.04
CA SER A 113 -3.62 6.35 35.55
C SER A 113 -2.20 5.84 35.77
N GLY A 114 -2.08 4.58 36.15
CA GLY A 114 -0.79 3.98 36.45
C GLY A 114 -0.36 2.85 35.54
N ILE A 115 -1.05 2.65 34.41
CA ILE A 115 -0.75 1.60 33.47
C ILE A 115 -0.63 2.24 32.09
N THR A 116 -0.25 1.42 31.10
CA THR A 116 0.01 1.95 29.77
C THR A 116 -1.02 1.41 28.77
N GLN A 117 -0.74 1.58 27.47
CA GLN A 117 -1.66 1.22 26.39
C GLN A 117 -0.86 1.17 25.07
N PRO A 118 -1.41 0.57 24.01
CA PRO A 118 -0.58 0.28 22.78
C PRO A 118 0.05 1.52 22.16
N PRO A 119 1.28 1.37 21.63
CA PRO A 119 2.08 2.49 21.09
C PRO A 119 1.77 2.81 19.63
N VAL A 120 0.51 3.13 19.35
CA VAL A 120 0.15 3.55 18.00
C VAL A 120 0.56 4.98 17.71
N HIS A 121 1.20 5.65 18.69
CA HIS A 121 1.43 7.10 18.60
C HIS A 121 2.33 7.49 17.42
N ALA A 122 3.35 6.69 17.11
CA ALA A 122 4.21 7.02 15.97
C ALA A 122 3.42 7.02 14.66
N ILE A 123 2.40 6.16 14.56
CA ILE A 123 1.56 6.15 13.37
C ILE A 123 0.82 7.47 13.24
N ALA A 124 0.32 7.99 14.35
CA ALA A 124 -0.32 9.30 14.31
C ALA A 124 0.67 10.39 13.89
N VAL A 125 1.91 10.30 14.36
CA VAL A 125 2.91 11.28 13.94
C VAL A 125 3.13 11.23 12.43
N GLN A 126 3.22 10.02 11.87
CA GLN A 126 3.36 9.90 10.41
C GLN A 126 2.17 10.54 9.68
N ARG A 127 0.95 10.29 10.12
CA ARG A 127 -0.20 10.85 9.41
C ARG A 127 -0.21 12.38 9.49
N ILE A 128 0.16 12.95 10.65
CA ILE A 128 0.23 14.42 10.74
C ILE A 128 1.28 14.96 9.76
N LEU A 129 2.44 14.30 9.66
CA LEU A 129 3.51 14.78 8.78
C LEU A 129 3.10 14.65 7.31
N GLU A 130 2.42 13.56 6.95
CA GLU A 130 1.93 13.43 5.57
C GLU A 130 0.91 14.52 5.23
N HIS A 131 -0.04 14.79 6.13
CA HIS A 131 -0.95 15.92 5.92
C HIS A 131 -0.20 17.22 5.81
N ALA A 132 0.75 17.46 6.74
CA ALA A 132 1.40 18.76 6.79
C ALA A 132 2.16 19.02 5.50
N ARG A 133 2.79 17.99 4.93
CA ARG A 133 3.55 18.18 3.70
C ARG A 133 2.66 18.50 2.50
N THR A 134 1.37 18.15 2.53
CA THR A 134 0.51 18.60 1.44
C THR A 134 0.02 20.02 1.60
N ARG A 135 0.21 20.62 2.78
CA ARG A 135 -0.22 21.99 3.04
C ARG A 135 0.99 22.94 2.89
N GLY A 136 0.79 24.19 3.21
CA GLY A 136 1.85 25.14 3.01
C GLY A 136 3.09 24.93 3.89
N ARG A 137 4.05 25.85 3.68
N ARG A 137 4.05 25.84 3.69
CA ARG A 137 5.28 25.89 4.44
CA ARG A 137 5.28 25.82 4.47
C ARG A 137 5.03 26.13 5.92
C ARG A 137 5.01 26.09 5.94
N SER A 138 4.04 26.97 6.25
CA SER A 138 3.77 27.26 7.65
C SER A 138 3.20 26.04 8.37
N THR A 139 2.47 25.20 7.66
CA THR A 139 1.95 23.98 8.27
C THR A 139 3.07 22.95 8.43
N ARG A 140 3.96 22.84 7.43
CA ARG A 140 5.15 22.01 7.61
C ARG A 140 5.95 22.47 8.82
N ALA A 141 6.06 23.78 9.03
CA ALA A 141 6.87 24.28 10.14
C ALA A 141 6.26 23.88 11.48
N VAL A 142 4.93 23.87 11.56
CA VAL A 142 4.24 23.47 12.78
C VAL A 142 4.57 22.02 13.11
N ALA A 143 4.49 21.14 12.10
CA ALA A 143 4.74 19.73 12.32
C ALA A 143 6.20 19.49 12.67
N GLU A 144 7.10 20.22 12.01
CA GLU A 144 8.52 20.05 12.27
C GLU A 144 8.91 20.55 13.65
N ALA A 145 8.31 21.67 14.10
CA ALA A 145 8.57 22.11 15.47
C ALA A 145 8.07 21.09 16.49
N PHE A 146 6.91 20.45 16.23
CA PHE A 146 6.47 19.38 17.12
C PHE A 146 7.56 18.29 17.24
N LEU A 147 8.15 17.87 16.12
CA LEU A 147 9.22 16.87 16.16
C LEU A 147 10.43 17.34 16.94
N ASP A 148 10.87 18.59 16.73
CA ASP A 148 11.94 19.13 17.57
C ASP A 148 11.58 19.04 19.05
N ARG A 149 10.33 19.35 19.38
CA ARG A 149 9.96 19.47 20.77
C ARG A 149 9.73 18.11 21.42
N ARG A 150 9.34 17.09 20.65
CA ARG A 150 8.83 15.84 21.20
C ARG A 150 9.53 14.59 20.71
N TRP A 151 10.51 14.69 19.81
CA TRP A 151 11.27 13.51 19.39
C TRP A 151 11.86 12.78 20.59
N GLY A 152 12.54 13.51 21.49
CA GLY A 152 13.11 12.88 22.68
C GLY A 152 12.08 12.14 23.52
N ASP A 153 10.88 12.74 23.71
CA ASP A 153 9.82 12.09 24.47
C ASP A 153 9.33 10.83 23.78
N LEU A 154 9.17 10.88 22.47
CA LEU A 154 8.78 9.68 21.74
C LEU A 154 9.82 8.58 21.91
N MET A 155 11.12 8.93 21.84
CA MET A 155 12.17 7.92 22.04
C MET A 155 12.09 7.31 23.44
N ARG A 156 11.87 8.14 24.47
CA ARG A 156 11.80 7.64 25.85
C ARG A 156 10.62 6.71 26.05
N TRP A 157 9.51 6.98 25.36
CA TRP A 157 8.35 6.08 25.34
C TRP A 157 8.71 4.73 24.73
N HIS A 158 9.32 4.73 23.54
CA HIS A 158 9.71 3.48 22.93
C HIS A 158 10.77 2.78 23.77
N ARG A 159 11.71 3.54 24.35
CA ARG A 159 12.75 2.93 25.17
C ARG A 159 12.18 2.34 26.45
N TRP A 160 11.20 3.00 27.08
CA TRP A 160 10.61 2.43 28.28
C TRP A 160 9.98 1.07 27.98
N LEU A 161 9.29 0.96 26.84
CA LEU A 161 8.69 -0.32 26.45
C LEU A 161 9.75 -1.37 26.18
N ALA A 162 10.77 -1.00 25.42
CA ALA A 162 11.80 -1.95 24.99
C ALA A 162 12.62 -2.46 26.17
N GLU A 163 12.86 -1.60 27.15
CA GLU A 163 13.73 -1.95 28.28
C GLU A 163 12.96 -2.37 29.53
N CYS A 164 11.83 -1.74 29.86
CA CYS A 164 11.15 -2.10 31.09
C CYS A 164 10.02 -3.12 30.92
N ARG A 165 9.42 -3.24 29.73
CA ARG A 165 8.40 -4.25 29.51
C ARG A 165 8.89 -5.43 28.67
N ASP A 166 10.16 -5.43 28.29
CA ASP A 166 10.82 -6.60 27.70
C ASP A 166 12.18 -6.78 28.37
N ARG A 167 12.15 -7.08 29.68
CA ARG A 167 13.36 -7.11 30.49
C ARG A 167 14.33 -8.21 30.02
N ASN A 168 13.82 -9.29 29.43
CA ASN A 168 14.65 -10.40 29.01
C ASN A 168 14.94 -10.38 27.52
N GLU A 169 14.71 -9.24 26.87
CA GLU A 169 14.91 -9.08 25.43
C GLU A 169 14.34 -10.27 24.67
N ARG A 170 13.10 -10.60 24.99
CA ARG A 170 12.39 -11.63 24.24
C ARG A 170 11.68 -11.05 23.02
N GLY A 171 11.64 -9.72 22.90
CA GLY A 171 10.93 -9.13 21.77
C GLY A 171 9.42 -9.23 21.88
N ARG A 172 8.90 -9.33 23.10
CA ARG A 172 7.48 -9.21 23.35
C ARG A 172 7.28 -8.32 24.57
N ILE A 173 6.17 -7.60 24.58
CA ILE A 173 5.84 -6.64 25.64
C ILE A 173 5.05 -7.36 26.72
N THR A 174 5.52 -7.25 27.96
CA THR A 174 4.77 -7.78 29.11
C THR A 174 3.76 -6.74 29.59
N LEU A 175 2.52 -7.19 29.81
CA LEU A 175 1.47 -6.40 30.43
C LEU A 175 1.19 -6.87 31.85
N TYR A 176 0.84 -5.92 32.72
CA TYR A 176 0.48 -6.22 34.08
C TYR A 176 -1.00 -5.99 34.36
N HIS A 177 -1.78 -5.65 33.33
CA HIS A 177 -3.21 -5.46 33.42
C HIS A 177 -3.79 -5.68 32.03
N GLY A 178 -4.92 -6.38 31.95
CA GLY A 178 -5.59 -6.52 30.66
C GLY A 178 -5.97 -5.20 30.02
N TRP A 179 -6.20 -4.15 30.85
CA TRP A 179 -6.54 -2.83 30.32
C TRP A 179 -5.44 -2.31 29.40
N GLU A 180 -4.19 -2.69 29.66
CA GLU A 180 -3.08 -2.23 28.85
C GLU A 180 -3.10 -2.80 27.43
N SER A 181 -3.76 -3.94 27.21
CA SER A 181 -3.85 -4.47 25.86
C SER A 181 -4.78 -3.65 24.97
N GLY A 182 -5.60 -2.79 25.57
CA GLY A 182 -6.69 -2.15 24.87
C GLY A 182 -7.92 -3.02 24.68
N MET A 183 -7.83 -4.32 24.98
CA MET A 183 -8.95 -5.25 24.75
C MET A 183 -9.37 -5.82 26.09
N ASP A 184 -9.96 -4.96 26.94
CA ASP A 184 -10.18 -5.29 28.36
C ASP A 184 -10.63 -6.74 28.58
N ASN A 185 -11.72 -7.13 27.92
CA ASN A 185 -12.36 -8.40 28.23
C ASN A 185 -12.16 -9.44 27.13
N SER A 186 -11.11 -9.29 26.33
CA SER A 186 -10.83 -10.28 25.30
C SER A 186 -10.71 -11.68 25.91
N PRO A 187 -11.23 -12.72 25.24
CA PRO A 187 -10.95 -14.09 25.67
C PRO A 187 -9.45 -14.38 25.78
N ARG A 188 -8.61 -13.55 25.17
CA ARG A 188 -7.17 -13.72 25.31
C ARG A 188 -6.74 -13.84 26.77
N TRP A 189 -7.41 -13.12 27.68
CA TRP A 189 -6.94 -12.97 29.05
C TRP A 189 -7.72 -13.79 30.07
N ASP A 190 -8.70 -14.62 29.66
CA ASP A 190 -9.54 -15.35 30.61
C ASP A 190 -8.71 -16.21 31.56
N SER A 191 -7.82 -17.04 31.01
CA SER A 191 -7.13 -17.98 31.90
C SER A 191 -6.13 -17.28 32.81
N ALA A 192 -5.53 -16.16 32.37
CA ALA A 192 -4.71 -15.38 33.28
C ALA A 192 -5.54 -14.72 34.37
N TYR A 193 -6.74 -14.23 34.03
CA TYR A 193 -7.59 -13.63 35.06
C TYR A 193 -8.14 -14.66 36.04
N ALA A 194 -8.32 -15.91 35.61
CA ALA A 194 -8.76 -16.93 36.55
C ALA A 194 -7.73 -17.15 37.66
N ASN A 195 -6.48 -16.77 37.45
CA ASN A 195 -5.46 -16.90 38.47
C ASN A 195 -5.27 -15.63 39.28
N VAL A 196 -6.12 -14.61 39.08
CA VAL A 196 -6.11 -13.41 39.90
C VAL A 196 -7.12 -13.58 41.03
N VAL A 197 -6.65 -13.58 42.28
CA VAL A 197 -7.52 -13.77 43.44
C VAL A 197 -7.59 -12.48 44.27
N PRO A 198 -8.65 -11.69 44.15
CA PRO A 198 -8.73 -10.46 44.96
C PRO A 198 -8.68 -10.75 46.44
N GLY A 199 -7.87 -9.98 47.16
CA GLY A 199 -7.88 -9.95 48.60
C GLY A 199 -8.90 -8.95 49.11
N LYS A 200 -8.63 -8.38 50.28
CA LYS A 200 -9.45 -7.33 50.86
C LYS A 200 -9.50 -6.12 49.92
N LEU A 201 -10.66 -5.87 49.31
CA LEU A 201 -10.77 -4.88 48.25
C LEU A 201 -11.53 -3.66 48.74
N PRO A 202 -10.96 -2.46 48.63
CA PRO A 202 -11.66 -1.26 49.13
C PRO A 202 -13.01 -1.07 48.45
N GLU A 203 -13.98 -0.62 49.25
CA GLU A 203 -15.35 -0.45 48.77
C GLU A 203 -15.42 0.57 47.64
N TYR A 204 -16.02 0.17 46.52
CA TYR A 204 -16.18 1.02 45.36
C TYR A 204 -17.64 1.01 44.91
N GLN A 205 -17.93 1.81 43.88
CA GLN A 205 -19.30 1.91 43.38
C GLN A 205 -19.49 1.13 42.09
N ARG A 206 -19.32 1.79 40.95
CA ARG A 206 -19.72 1.18 39.68
C ARG A 206 -19.04 1.90 38.53
N ALA A 207 -18.98 1.22 37.39
CA ALA A 207 -18.44 1.80 36.16
C ALA A 207 -18.95 1.05 34.93
N THR A 213 -26.84 1.26 31.94
CA THR A 213 -26.45 0.80 30.62
C THR A 213 -26.82 -0.68 30.40
N ASP A 214 -26.72 -1.12 29.13
CA ASP A 214 -27.16 -2.46 28.71
C ASP A 214 -26.30 -3.55 29.35
N PRO A 215 -26.91 -4.55 30.02
CA PRO A 215 -26.10 -5.57 30.70
C PRO A 215 -25.30 -6.46 29.76
N SER A 216 -25.77 -6.70 28.54
CA SER A 216 -25.04 -7.56 27.61
C SER A 216 -23.70 -6.95 27.18
N GLN A 217 -23.55 -5.64 27.40
N GLN A 217 -23.56 -5.63 27.21
CA GLN A 217 -22.25 -4.97 27.48
CA GLN A 217 -22.49 -5.01 26.43
C GLN A 217 -22.16 -4.18 28.80
C GLN A 217 -21.21 -4.75 27.22
N ARG A 218 -22.19 -4.90 29.92
N ARG A 218 -21.06 -5.36 28.40
CA ARG A 218 -21.98 -4.31 31.25
CA ARG A 218 -19.95 -4.98 29.27
C ARG A 218 -20.89 -5.10 31.97
C ARG A 218 -19.37 -6.18 30.02
N PRO A 219 -19.81 -4.42 32.44
N PRO A 219 -18.20 -6.03 30.64
CA PRO A 219 -18.56 -5.09 32.86
CA PRO A 219 -17.73 -7.02 31.62
C PRO A 219 -18.58 -6.59 33.12
C PRO A 219 -18.64 -7.08 32.85
N SER A 220 -19.33 -6.98 34.15
N SER A 220 -18.34 -8.02 33.74
CA SER A 220 -19.26 -8.24 34.89
CA SER A 220 -19.19 -8.36 34.89
C SER A 220 -18.54 -7.98 36.22
C SER A 220 -18.56 -7.87 36.20
N ASP A 221 -19.28 -8.09 37.31
CA ASP A 221 -18.79 -7.70 38.62
C ASP A 221 -17.55 -8.48 39.02
N GLY A 222 -17.61 -9.81 38.91
CA GLY A 222 -16.42 -10.61 39.18
C GLY A 222 -15.23 -10.19 38.33
N GLU A 223 -15.46 -9.94 37.04
CA GLU A 223 -14.39 -9.44 36.18
C GLU A 223 -13.85 -8.11 36.70
N TYR A 224 -14.74 -7.20 37.07
CA TYR A 224 -14.30 -5.87 37.48
C TYR A 224 -13.53 -5.91 38.81
N ASP A 225 -13.95 -6.78 39.72
CA ASP A 225 -13.22 -6.95 40.99
C ASP A 225 -11.78 -7.33 40.74
N ARG A 226 -11.53 -8.19 39.75
CA ARG A 226 -10.17 -8.56 39.38
C ARG A 226 -9.42 -7.38 38.76
N TYR A 227 -10.07 -6.60 37.89
CA TYR A 227 -9.41 -5.42 37.33
C TYR A 227 -8.96 -4.49 38.45
N LEU A 228 -9.85 -4.21 39.40
CA LEU A 228 -9.50 -3.30 40.50
C LEU A 228 -8.47 -3.90 41.43
N TRP A 229 -8.43 -5.23 41.59
CA TRP A 229 -7.45 -5.80 42.50
C TRP A 229 -6.03 -5.63 41.98
N LEU A 230 -5.83 -5.77 40.65
CA LEU A 230 -4.51 -5.52 40.07
C LEU A 230 -4.01 -4.12 40.43
N LEU A 231 -4.90 -3.12 40.41
CA LEU A 231 -4.53 -1.78 40.87
C LEU A 231 -3.98 -1.81 42.30
N GLU A 232 -4.64 -2.53 43.20
CA GLU A 232 -4.14 -2.61 44.57
C GLU A 232 -2.73 -3.21 44.61
N GLU A 233 -2.45 -4.19 43.76
CA GLU A 233 -1.12 -4.81 43.80
C GLU A 233 -0.06 -3.82 43.34
N MET A 234 -0.37 -3.01 42.32
CA MET A 234 0.59 -2.00 41.85
C MET A 234 0.78 -0.90 42.86
N LYS A 235 -0.32 -0.47 43.49
CA LYS A 235 -0.22 0.59 44.49
C LYS A 235 0.63 0.15 45.67
N ALA A 236 0.56 -1.13 46.04
CA ALA A 236 1.30 -1.62 47.20
C ALA A 236 2.80 -1.50 47.01
N VAL A 237 3.28 -1.56 45.78
CA VAL A 237 4.69 -1.36 45.48
C VAL A 237 4.93 0.00 44.82
N ARG A 238 3.99 0.92 44.96
CA ARG A 238 4.16 2.31 44.53
C ARG A 238 4.54 2.44 43.05
N TYR A 239 4.01 1.53 42.22
CA TYR A 239 4.16 1.54 40.77
C TYR A 239 5.62 1.40 40.32
N ASP A 240 6.46 0.87 41.19
CA ASP A 240 7.89 0.68 40.91
C ASP A 240 8.08 -0.40 39.84
N ASP A 241 8.65 -0.03 38.69
CA ASP A 241 8.87 -0.99 37.59
C ASP A 241 9.61 -2.23 38.08
N GLU A 242 10.58 -2.05 38.98
CA GLU A 242 11.45 -3.12 39.41
C GLU A 242 10.76 -4.14 40.30
N ARG A 243 9.67 -3.76 40.96
N ARG A 243 9.67 -3.77 40.96
CA ARG A 243 8.98 -4.64 41.90
CA ARG A 243 9.01 -4.70 41.88
C ARG A 243 7.81 -5.38 41.27
C ARG A 243 7.79 -5.37 41.29
N LEU A 244 7.25 -4.85 40.19
CA LEU A 244 6.06 -5.46 39.60
C LEU A 244 6.24 -6.93 39.19
N PRO A 245 7.37 -7.37 38.62
CA PRO A 245 7.52 -8.81 38.36
C PRO A 245 7.31 -9.68 39.58
N SER A 246 7.66 -9.18 40.77
CA SER A 246 7.58 -9.99 41.98
C SER A 246 6.20 -10.04 42.61
N VAL A 247 5.34 -9.06 42.34
CA VAL A 247 4.09 -8.96 43.08
C VAL A 247 2.83 -9.11 42.21
N MET A 248 2.91 -8.90 40.90
CA MET A 248 1.70 -8.88 40.08
C MET A 248 1.16 -10.29 39.85
N SER A 249 -0.15 -10.45 40.07
CA SER A 249 -0.88 -11.69 39.81
C SER A 249 -1.25 -11.87 38.34
N PHE A 250 -0.91 -10.90 37.48
CA PHE A 250 -1.24 -10.91 36.06
C PHE A 250 0.00 -10.46 35.30
N GLN A 251 0.56 -11.33 34.47
CA GLN A 251 1.79 -11.00 33.72
C GLN A 251 1.71 -11.78 32.41
N VAL A 252 1.40 -11.08 31.33
N VAL A 252 1.43 -11.09 31.30
CA VAL A 252 1.20 -11.70 30.04
CA VAL A 252 1.17 -11.78 30.04
C VAL A 252 2.11 -11.00 29.04
C VAL A 252 1.85 -11.01 28.91
N GLU A 253 2.55 -11.74 28.04
CA GLU A 253 3.16 -11.14 26.86
C GLU A 253 2.07 -10.99 25.79
N ASP A 254 1.86 -9.75 25.36
CA ASP A 254 0.78 -9.39 24.44
C ASP A 254 1.36 -9.33 23.03
N VAL A 255 1.01 -10.31 22.20
CA VAL A 255 1.62 -10.40 20.88
C VAL A 255 1.08 -9.33 19.93
N PHE A 256 -0.14 -8.83 20.16
CA PHE A 256 -0.71 -7.80 19.27
C PHE A 256 -0.08 -6.44 19.57
N PHE A 257 -0.06 -6.06 20.84
CA PHE A 257 0.73 -4.93 21.32
C PHE A 257 2.17 -5.02 20.81
N SER A 258 2.78 -6.22 20.83
CA SER A 258 4.18 -6.35 20.39
C SER A 258 4.32 -6.06 18.89
N ALA A 259 3.38 -6.54 18.08
CA ALA A 259 3.44 -6.29 16.63
C ALA A 259 3.23 -4.82 16.34
N ILE A 260 2.28 -4.17 17.04
CA ILE A 260 2.08 -2.73 16.91
C ILE A 260 3.37 -1.99 17.24
N PHE A 261 4.05 -2.39 18.32
CA PHE A 261 5.30 -1.74 18.69
C PHE A 261 6.38 -1.93 17.61
N SER A 262 6.49 -3.12 17.04
CA SER A 262 7.40 -3.33 15.92
C SER A 262 7.13 -2.33 14.79
N VAL A 263 5.87 -2.25 14.34
CA VAL A 263 5.50 -1.30 13.27
C VAL A 263 5.84 0.13 13.69
N ALA A 264 5.46 0.50 14.92
CA ALA A 264 5.70 1.87 15.38
C ALA A 264 7.18 2.21 15.43
N CYS A 265 8.01 1.26 15.84
CA CYS A 265 9.46 1.50 15.84
C CYS A 265 9.96 1.74 14.42
N GLN A 266 9.48 0.94 13.47
CA GLN A 266 9.91 1.12 12.09
C GLN A 266 9.45 2.46 11.54
N VAL A 267 8.21 2.83 11.83
CA VAL A 267 7.67 4.11 11.38
C VAL A 267 8.45 5.27 11.99
N LEU A 268 8.67 5.22 13.30
CA LEU A 268 9.39 6.32 13.93
C LEU A 268 10.84 6.39 13.44
N ALA A 269 11.44 5.23 13.14
CA ALA A 269 12.78 5.22 12.59
C ALA A 269 12.81 5.95 11.24
N GLU A 270 11.84 5.65 10.36
CA GLU A 270 11.77 6.31 9.06
C GLU A 270 11.57 7.82 9.21
N ILE A 271 10.69 8.21 10.12
CA ILE A 271 10.55 9.62 10.49
C ILE A 271 11.91 10.21 10.89
N GLY A 272 12.65 9.51 11.76
CA GLY A 272 13.90 10.10 12.23
C GLY A 272 14.93 10.26 11.12
N GLU A 273 14.95 9.34 10.16
CA GLU A 273 15.82 9.52 8.99
C GLU A 273 15.35 10.70 8.13
N ASP A 274 14.05 10.80 7.88
CA ASP A 274 13.58 11.92 7.04
C ASP A 274 13.85 13.27 7.67
N TYR A 275 13.86 13.36 8.99
CA TYR A 275 13.99 14.67 9.65
C TYR A 275 15.30 14.78 10.40
N LYS A 276 16.28 13.97 10.01
CA LYS A 276 17.67 14.10 10.44
C LYS A 276 17.79 14.09 11.96
N ARG A 277 17.06 13.17 12.60
CA ARG A 277 17.17 12.94 14.05
C ARG A 277 18.48 12.20 14.34
N PRO A 278 18.90 12.13 15.62
CA PRO A 278 20.18 11.46 15.93
C PRO A 278 20.25 10.04 15.39
N HIS A 279 21.39 9.73 14.78
N HIS A 279 21.38 9.71 14.77
CA HIS A 279 21.61 8.41 14.19
CA HIS A 279 21.50 8.36 14.18
C HIS A 279 21.47 7.29 15.22
C HIS A 279 21.42 7.27 15.24
N ALA A 280 21.90 7.54 16.47
CA ALA A 280 21.82 6.49 17.48
C ALA A 280 20.37 6.16 17.84
N ASP A 281 19.47 7.14 17.73
CA ASP A 281 18.06 6.87 17.98
C ASP A 281 17.47 6.02 16.87
N VAL A 282 17.74 6.38 15.62
CA VAL A 282 17.22 5.63 14.47
C VAL A 282 17.71 4.19 14.51
N LYS A 283 18.99 4.00 14.83
CA LYS A 283 19.53 2.65 14.97
C LYS A 283 18.81 1.87 16.06
N ASP A 284 18.63 2.47 17.25
CA ASP A 284 17.88 1.78 18.31
C ASP A 284 16.49 1.41 17.83
N LEU A 285 15.81 2.31 17.08
CA LEU A 285 14.44 2.01 16.63
C LEU A 285 14.40 0.85 15.64
N TYR A 286 15.31 0.82 14.66
CA TYR A 286 15.33 -0.32 13.73
C TYR A 286 15.66 -1.61 14.47
N LEU A 287 16.56 -1.53 15.44
CA LEU A 287 16.85 -2.70 16.26
C LEU A 287 15.59 -3.23 16.96
N TRP A 288 14.85 -2.36 17.64
CA TRP A 288 13.61 -2.80 18.31
C TRP A 288 12.57 -3.29 17.29
N ALA A 289 12.45 -2.61 16.16
CA ALA A 289 11.52 -3.08 15.13
C ALA A 289 11.78 -4.54 14.76
N GLU A 290 13.05 -4.90 14.53
N GLU A 290 13.05 -4.88 14.55
CA GLU A 290 13.34 -6.30 14.18
CA GLU A 290 13.46 -6.24 14.20
C GLU A 290 13.17 -7.22 15.38
C GLU A 290 13.24 -7.20 15.36
N ARG A 291 13.64 -6.80 16.58
CA ARG A 291 13.53 -7.69 17.72
C ARG A 291 12.07 -8.06 17.99
N PHE A 292 11.17 -7.06 17.94
CA PHE A 292 9.77 -7.36 18.22
C PHE A 292 9.09 -8.06 17.05
N ARG A 293 9.54 -7.84 15.82
CA ARG A 293 9.06 -8.66 14.71
C ARG A 293 9.39 -10.14 14.96
N ALA A 294 10.63 -10.41 15.34
CA ALA A 294 11.04 -11.79 15.60
C ALA A 294 10.28 -12.36 16.79
N GLY A 295 10.08 -11.55 17.85
CA GLY A 295 9.34 -12.04 19.01
C GLY A 295 7.90 -12.40 18.68
N VAL A 296 7.27 -11.64 17.78
CA VAL A 296 5.90 -11.99 17.34
C VAL A 296 5.91 -13.32 16.58
N VAL A 297 6.84 -13.46 15.63
CA VAL A 297 6.90 -14.65 14.78
C VAL A 297 7.19 -15.91 15.61
N GLU A 298 7.96 -15.77 16.69
CA GLU A 298 8.29 -16.93 17.52
C GLU A 298 7.06 -17.55 18.17
N THR A 299 5.99 -16.77 18.36
CA THR A 299 4.78 -17.27 19.00
C THR A 299 3.87 -18.04 18.06
N THR A 300 4.16 -18.10 16.76
CA THR A 300 3.12 -18.40 15.78
C THR A 300 2.90 -19.91 15.63
N ASP A 301 1.65 -20.26 15.35
CA ASP A 301 1.28 -21.63 15.04
C ASP A 301 2.01 -22.06 13.77
N GLN A 302 2.57 -23.28 13.81
CA GLN A 302 3.41 -23.74 12.70
C GLN A 302 2.61 -24.08 11.46
N ARG A 303 1.31 -24.35 11.59
CA ARG A 303 0.49 -24.61 10.40
C ARG A 303 -0.24 -23.37 9.90
N THR A 304 -0.84 -22.57 10.76
CA THR A 304 -1.67 -21.45 10.31
C THR A 304 -0.97 -20.09 10.41
N GLY A 305 0.19 -20.00 11.07
CA GLY A 305 0.84 -18.72 11.30
C GLY A 305 0.21 -17.85 12.38
N ALA A 306 -0.82 -18.35 13.07
CA ALA A 306 -1.56 -17.55 14.04
C ALA A 306 -0.71 -17.30 15.27
N ALA A 307 -0.69 -16.05 15.72
CA ALA A 307 0.12 -15.63 16.85
C ALA A 307 -0.58 -15.91 18.18
N ARG A 308 0.21 -16.35 19.16
CA ARG A 308 -0.26 -16.68 20.50
C ARG A 308 0.27 -15.67 21.51
N ASP A 309 -0.57 -15.29 22.47
CA ASP A 309 -0.06 -14.61 23.65
C ASP A 309 0.60 -15.63 24.60
N PHE A 310 1.31 -15.12 25.61
CA PHE A 310 2.07 -15.97 26.53
C PHE A 310 1.80 -15.55 27.97
N ASP A 311 1.40 -16.52 28.78
CA ASP A 311 1.18 -16.26 30.20
C ASP A 311 2.53 -16.43 30.91
N VAL A 312 3.11 -15.33 31.37
CA VAL A 312 4.45 -15.39 31.96
C VAL A 312 4.42 -16.14 33.29
N LEU A 313 3.32 -16.06 34.05
CA LEU A 313 3.28 -16.73 35.35
C LEU A 313 3.09 -18.24 35.21
N ALA A 314 2.14 -18.64 34.39
CA ALA A 314 1.90 -20.06 34.13
C ALA A 314 2.92 -20.65 33.17
N GLU A 315 3.69 -19.82 32.45
CA GLU A 315 4.63 -20.28 31.42
C GLU A 315 3.91 -21.13 30.36
N LYS A 316 2.83 -20.58 29.81
CA LYS A 316 1.94 -21.29 28.90
C LYS A 316 1.55 -20.40 27.72
N TRP A 317 1.58 -20.94 26.52
CA TRP A 317 1.02 -20.24 25.37
C TRP A 317 -0.50 -20.15 25.53
N LEU A 318 -1.04 -18.97 25.23
CA LEU A 318 -2.48 -18.72 25.32
C LEU A 318 -3.05 -18.84 23.90
N VAL A 319 -3.86 -19.88 23.70
CA VAL A 319 -4.43 -20.20 22.39
C VAL A 319 -5.88 -19.76 22.43
N THR A 320 -6.22 -18.72 21.69
CA THR A 320 -7.59 -18.23 21.62
C THR A 320 -7.85 -17.81 20.17
N GLU A 321 -9.11 -17.66 19.80
CA GLU A 321 -9.47 -17.31 18.42
C GLU A 321 -9.98 -15.87 18.34
N THR A 322 -9.07 -14.92 18.50
CA THR A 322 -9.40 -13.51 18.38
C THR A 322 -8.58 -12.86 17.27
N ALA A 323 -8.96 -11.62 16.95
CA ALA A 323 -8.24 -10.84 15.96
C ALA A 323 -6.76 -10.66 16.30
N ALA A 324 -6.37 -10.82 17.57
CA ALA A 324 -4.97 -10.65 17.91
C ALA A 324 -4.08 -11.70 17.23
N GLN A 325 -4.66 -12.87 16.89
N GLN A 325 -4.63 -12.88 16.88
CA GLN A 325 -3.92 -13.91 16.19
CA GLN A 325 -3.76 -13.86 16.26
C GLN A 325 -3.25 -13.38 14.93
C GLN A 325 -3.30 -13.44 14.88
N PHE A 326 -3.82 -12.34 14.34
CA PHE A 326 -3.31 -11.79 13.07
C PHE A 326 -2.23 -10.74 13.27
N ALA A 327 -1.70 -10.62 14.49
CA ALA A 327 -0.57 -9.73 14.75
C ALA A 327 0.57 -9.83 13.72
N PRO A 328 1.01 -11.01 13.26
CA PRO A 328 2.11 -11.06 12.28
C PRO A 328 1.82 -10.39 10.97
N LEU A 329 0.55 -10.27 10.56
CA LEU A 329 0.26 -9.58 9.32
C LEU A 329 0.61 -8.11 9.42
N LEU A 330 0.57 -7.55 10.64
CA LEU A 330 0.85 -6.13 10.83
C LEU A 330 2.33 -5.83 10.71
N CYS A 331 3.18 -6.65 11.33
CA CYS A 331 4.59 -6.32 11.40
C CYS A 331 5.42 -7.11 10.40
N GLY A 332 4.86 -8.15 9.76
CA GLY A 332 5.63 -8.97 8.85
C GLY A 332 6.51 -9.95 9.60
N GLY A 333 7.26 -10.74 8.83
CA GLY A 333 8.24 -11.63 9.40
C GLY A 333 7.96 -13.11 9.22
N LEU A 334 6.73 -13.51 8.98
CA LEU A 334 6.44 -14.91 8.75
C LEU A 334 7.08 -15.41 7.45
N PRO A 335 7.49 -16.68 7.39
CA PRO A 335 7.84 -17.25 6.10
C PRO A 335 6.65 -17.13 5.16
N HIS A 336 6.96 -17.01 3.88
CA HIS A 336 5.96 -16.78 2.84
C HIS A 336 4.78 -17.75 2.94
N ASP A 337 5.05 -19.04 3.08
CA ASP A 337 3.99 -20.05 3.09
C ASP A 337 3.12 -19.92 4.33
N ARG A 338 3.69 -19.59 5.49
CA ARG A 338 2.85 -19.45 6.67
C ARG A 338 2.04 -18.17 6.63
N GLU A 339 2.57 -17.12 5.99
CA GLU A 339 1.77 -15.89 5.92
C GLU A 339 0.57 -16.09 5.01
N ARG A 340 0.71 -16.92 3.96
CA ARG A 340 -0.44 -17.23 3.11
C ARG A 340 -1.49 -18.00 3.90
N ALA A 341 -1.06 -18.94 4.75
CA ALA A 341 -2.00 -19.66 5.60
C ALA A 341 -2.72 -18.69 6.55
N LEU A 342 -1.98 -17.72 7.10
CA LEU A 342 -2.62 -16.80 8.04
C LEU A 342 -3.63 -15.90 7.32
N LEU A 343 -3.30 -15.46 6.10
CA LEU A 343 -4.26 -14.65 5.35
C LEU A 343 -5.48 -15.47 4.99
N LYS A 344 -5.28 -16.78 4.76
CA LYS A 344 -6.39 -17.68 4.50
C LYS A 344 -7.31 -17.78 5.72
N LEU A 345 -6.71 -17.85 6.91
CA LEU A 345 -7.51 -17.88 8.13
C LEU A 345 -8.29 -16.58 8.29
N LEU A 346 -7.64 -15.45 8.03
CA LEU A 346 -8.31 -14.17 8.15
C LEU A 346 -9.51 -14.07 7.22
N GLU A 347 -9.36 -14.52 5.98
CA GLU A 347 -10.40 -14.33 4.96
C GLU A 347 -11.42 -15.45 4.96
N GLY A 348 -11.17 -16.53 5.67
CA GLY A 348 -12.04 -17.68 5.62
C GLY A 348 -13.22 -17.59 6.57
N PRO A 349 -13.92 -18.72 6.71
CA PRO A 349 -15.23 -18.71 7.39
C PRO A 349 -15.13 -18.55 8.91
N ARG A 350 -13.94 -18.63 9.51
CA ARG A 350 -13.78 -18.36 10.94
C ARG A 350 -13.72 -16.86 11.25
N PHE A 351 -13.37 -16.02 10.28
CA PHE A 351 -13.28 -14.58 10.47
C PHE A 351 -14.02 -13.81 9.37
N CYS A 352 -13.32 -13.10 8.48
CA CYS A 352 -13.97 -12.16 7.57
C CYS A 352 -14.95 -12.84 6.61
N GLY A 353 -14.73 -14.11 6.32
CA GLY A 353 -15.59 -14.80 5.40
C GLY A 353 -16.73 -15.58 6.05
N HIS A 354 -17.00 -15.34 7.32
CA HIS A 354 -18.11 -16.04 7.94
C HIS A 354 -19.43 -15.68 7.25
N PRO A 355 -20.29 -16.66 6.95
CA PRO A 355 -21.47 -16.36 6.13
C PRO A 355 -22.53 -15.46 6.77
N ASP A 356 -22.55 -15.31 8.09
CA ASP A 356 -23.60 -14.49 8.70
C ASP A 356 -23.18 -13.04 8.94
N LEU A 357 -21.94 -12.66 8.59
CA LEU A 357 -21.49 -11.30 8.86
C LEU A 357 -22.11 -10.30 7.90
N LYS A 358 -22.58 -9.19 8.45
CA LYS A 358 -23.16 -8.14 7.61
C LYS A 358 -22.10 -7.48 6.71
N TYR A 359 -20.89 -7.31 7.22
CA TYR A 359 -19.81 -6.66 6.49
C TYR A 359 -18.60 -7.57 6.42
N GLY A 360 -17.78 -7.37 5.40
CA GLY A 360 -16.53 -8.12 5.31
C GLY A 360 -15.50 -7.43 6.17
N LEU A 361 -15.66 -7.55 7.49
CA LEU A 361 -14.79 -6.92 8.47
C LEU A 361 -14.34 -7.98 9.49
N ILE A 362 -13.39 -7.62 10.33
CA ILE A 362 -12.73 -8.57 11.23
C ILE A 362 -13.47 -8.55 12.57
N PRO A 363 -14.19 -9.61 12.92
CA PRO A 363 -14.78 -9.63 14.27
C PRO A 363 -13.67 -9.72 15.31
N SER A 364 -13.95 -9.19 16.51
CA SER A 364 -12.90 -9.16 17.53
C SER A 364 -12.60 -10.57 18.02
N THR A 365 -13.61 -11.45 18.03
CA THR A 365 -13.46 -12.87 18.33
C THR A 365 -14.15 -13.64 17.22
N SER A 366 -13.61 -14.80 16.84
CA SER A 366 -14.21 -15.59 15.78
C SER A 366 -15.66 -15.94 16.15
N PRO A 367 -16.63 -15.73 15.25
CA PRO A 367 -18.00 -16.22 15.51
C PRO A 367 -18.08 -17.71 15.78
N VAL A 368 -17.10 -18.51 15.34
CA VAL A 368 -17.23 -19.95 15.61
C VAL A 368 -16.52 -20.36 16.89
N SER A 369 -15.80 -19.44 17.54
CA SER A 369 -15.21 -19.77 18.84
C SER A 369 -16.28 -19.87 19.92
N ARG A 370 -16.08 -20.83 20.82
CA ARG A 370 -16.96 -20.96 21.98
C ARG A 370 -16.95 -19.69 22.84
N ASP A 371 -15.89 -18.90 22.81
CA ASP A 371 -15.85 -17.67 23.59
C ASP A 371 -16.65 -16.53 22.95
N PHE A 372 -17.19 -16.73 21.75
CA PHE A 372 -17.83 -15.65 21.00
C PHE A 372 -19.10 -15.18 21.70
N ARG A 373 -19.24 -13.85 21.84
CA ARG A 373 -20.48 -13.23 22.27
C ARG A 373 -20.73 -12.05 21.35
N PRO A 374 -21.84 -12.02 20.60
CA PRO A 374 -21.99 -11.00 19.53
C PRO A 374 -22.10 -9.56 20.02
N ARG A 375 -22.38 -9.32 21.31
CA ARG A 375 -22.60 -7.96 21.81
C ARG A 375 -21.54 -7.49 22.81
N GLU A 376 -20.60 -8.34 23.19
CA GLU A 376 -19.88 -8.17 24.46
C GLU A 376 -18.45 -7.65 24.24
N TYR A 377 -18.37 -6.37 23.89
N TYR A 377 -18.37 -6.36 23.90
CA TYR A 377 -17.12 -5.63 23.75
CA TYR A 377 -17.10 -5.66 23.92
C TYR A 377 -16.11 -6.34 22.86
C TYR A 377 -16.10 -6.27 22.93
N TRP A 378 -15.05 -6.91 23.44
CA TRP A 378 -14.01 -7.49 22.62
C TRP A 378 -14.22 -8.99 22.40
N ARG A 379 -15.36 -9.54 22.82
CA ARG A 379 -15.62 -10.97 22.66
C ARG A 379 -16.38 -11.30 21.36
N GLY A 380 -16.32 -10.43 20.33
CA GLY A 380 -17.07 -10.69 19.12
C GLY A 380 -17.36 -9.48 18.22
N PRO A 381 -17.79 -8.35 18.79
CA PRO A 381 -18.15 -7.18 17.97
C PRO A 381 -17.01 -6.72 17.06
N VAL A 382 -17.41 -6.00 16.02
CA VAL A 382 -16.50 -5.40 15.04
C VAL A 382 -16.23 -3.97 15.49
N TRP A 383 -14.94 -3.66 15.70
CA TRP A 383 -14.46 -2.35 16.17
C TRP A 383 -13.86 -1.57 15.02
N PRO A 384 -14.44 -0.42 14.59
CA PRO A 384 -13.81 0.38 13.52
C PRO A 384 -12.35 0.68 13.72
N VAL A 385 -11.90 0.89 14.97
CA VAL A 385 -10.51 1.18 15.22
C VAL A 385 -9.61 0.01 14.78
N LEU A 386 -10.06 -1.22 15.00
CA LEU A 386 -9.28 -2.36 14.53
C LEU A 386 -9.30 -2.44 13.00
N THR A 387 -10.48 -2.21 12.40
CA THR A 387 -10.55 -2.12 10.94
C THR A 387 -9.54 -1.11 10.42
N TRP A 388 -9.46 0.06 11.06
CA TRP A 388 -8.55 1.10 10.59
C TRP A 388 -7.09 0.63 10.67
N LEU A 389 -6.71 0.10 11.82
N LEU A 389 -6.70 0.11 11.82
CA LEU A 389 -5.33 -0.32 12.01
CA LEU A 389 -5.32 -0.33 12.01
C LEU A 389 -4.91 -1.43 11.05
C LEU A 389 -4.92 -1.42 11.02
N PHE A 390 -5.78 -2.42 10.84
CA PHE A 390 -5.43 -3.46 9.87
C PHE A 390 -5.37 -2.90 8.45
N SER A 391 -6.30 -2.01 8.10
N SER A 391 -6.28 -1.97 8.12
CA SER A 391 -6.26 -1.47 6.74
CA SER A 391 -6.30 -1.44 6.76
C SER A 391 -4.97 -0.68 6.52
C SER A 391 -5.06 -0.60 6.49
N TRP A 392 -4.61 0.17 7.49
CA TRP A 392 -3.42 1.00 7.33
C TRP A 392 -2.16 0.12 7.29
N CYS A 393 -2.05 -0.85 8.21
CA CYS A 393 -0.91 -1.76 8.21
C CYS A 393 -0.87 -2.61 6.93
N PHE A 394 -2.04 -3.07 6.45
CA PHE A 394 -2.05 -3.83 5.19
C PHE A 394 -1.55 -2.97 4.03
N ALA A 395 -2.04 -1.75 3.91
CA ALA A 395 -1.53 -0.90 2.84
C ALA A 395 0.00 -0.76 2.93
N ARG A 396 0.53 -0.65 4.16
CA ARG A 396 1.98 -0.59 4.38
C ARG A 396 2.70 -1.86 3.95
N ARG A 397 2.07 -3.02 4.08
CA ARG A 397 2.67 -4.26 3.55
C ARG A 397 2.64 -4.31 2.05
N GLY A 398 1.93 -3.39 1.39
CA GLY A 398 1.78 -3.43 -0.05
C GLY A 398 0.52 -4.14 -0.51
N TRP A 399 -0.39 -4.44 0.40
CA TRP A 399 -1.59 -5.19 0.03
C TRP A 399 -2.72 -4.20 -0.21
N ALA A 400 -2.59 -3.49 -1.34
CA ALA A 400 -3.45 -2.32 -1.61
C ALA A 400 -4.92 -2.74 -1.72
N GLU A 401 -5.20 -3.82 -2.45
CA GLU A 401 -6.58 -4.25 -2.63
C GLU A 401 -7.19 -4.73 -1.29
N ARG A 402 -6.45 -5.53 -0.52
CA ARG A 402 -6.93 -5.91 0.81
C ARG A 402 -7.22 -4.69 1.68
N ALA A 403 -6.30 -3.73 1.73
CA ALA A 403 -6.55 -2.54 2.55
C ALA A 403 -7.75 -1.77 2.03
N ARG A 404 -7.91 -1.69 0.70
CA ARG A 404 -9.04 -0.97 0.12
C ARG A 404 -10.37 -1.60 0.52
N LEU A 405 -10.46 -2.93 0.49
CA LEU A 405 -11.71 -3.61 0.81
C LEU A 405 -12.11 -3.40 2.26
N LEU A 406 -11.14 -3.44 3.19
CA LEU A 406 -11.42 -3.12 4.59
C LEU A 406 -11.92 -1.69 4.75
N ARG A 407 -11.25 -0.73 4.11
N ARG A 407 -11.24 -0.74 4.09
CA ARG A 407 -11.71 0.67 4.19
CA ARG A 407 -11.66 0.66 4.14
C ARG A 407 -13.14 0.80 3.67
C ARG A 407 -13.08 0.84 3.63
N GLN A 408 -13.43 0.16 2.53
CA GLN A 408 -14.75 0.30 1.92
C GLN A 408 -15.84 -0.30 2.81
N GLU A 409 -15.59 -1.48 3.39
CA GLU A 409 -16.57 -2.07 4.31
C GLU A 409 -16.67 -1.26 5.59
N GLY A 410 -15.54 -0.73 6.07
CA GLY A 410 -15.57 0.13 7.25
C GLY A 410 -16.40 1.39 7.05
N LEU A 411 -16.30 2.02 5.87
CA LEU A 411 -17.10 3.20 5.57
C LEU A 411 -18.57 2.85 5.41
N ARG A 412 -18.87 1.70 4.82
CA ARG A 412 -20.25 1.29 4.68
C ARG A 412 -20.89 1.06 6.05
N GLN A 413 -20.16 0.42 6.96
CA GLN A 413 -20.65 0.23 8.34
C GLN A 413 -20.79 1.57 9.09
N ALA A 414 -19.86 2.49 8.89
CA ALA A 414 -19.89 3.75 9.62
C ALA A 414 -20.92 4.71 9.05
N SER A 415 -21.50 4.39 7.88
CA SER A 415 -22.25 5.44 7.21
C SER A 415 -23.60 5.73 7.87
N ASP A 416 -23.99 5.03 8.94
CA ASP A 416 -25.18 5.47 9.68
C ASP A 416 -24.89 6.71 10.55
N GLY A 417 -23.63 7.12 10.67
CA GLY A 417 -23.29 8.27 11.50
C GLY A 417 -23.45 8.07 13.00
N SER A 418 -23.50 6.82 13.47
CA SER A 418 -23.57 6.59 14.91
C SER A 418 -22.23 6.79 15.59
N PHE A 419 -21.13 6.58 14.86
CA PHE A 419 -19.79 6.66 15.44
C PHE A 419 -19.69 5.81 16.70
N ALA A 420 -20.24 4.61 16.61
CA ALA A 420 -20.12 3.69 17.74
C ALA A 420 -18.70 3.15 17.83
N ALA A 421 -18.31 2.78 19.04
CA ALA A 421 -17.03 2.11 19.26
C ALA A 421 -16.99 0.72 18.63
N TYR A 422 -18.12 0.00 18.64
CA TYR A 422 -18.14 -1.35 18.08
C TYR A 422 -19.56 -1.67 17.64
N TYR A 423 -19.68 -2.70 16.76
CA TYR A 423 -20.92 -3.03 16.06
C TYR A 423 -21.22 -4.52 16.18
N GLU A 424 -22.50 -4.85 16.32
CA GLU A 424 -22.92 -6.25 16.29
C GLU A 424 -22.49 -6.87 14.96
N PRO A 425 -21.77 -8.01 14.96
CA PRO A 425 -21.20 -8.51 13.70
C PRO A 425 -22.23 -9.01 12.71
N PHE A 426 -23.37 -9.51 13.17
CA PHE A 426 -24.34 -10.12 12.27
C PHE A 426 -25.38 -9.13 11.79
N THR A 427 -25.87 -8.25 12.69
CA THR A 427 -26.90 -7.29 12.34
C THR A 427 -26.38 -5.92 11.97
N GLY A 428 -25.11 -5.62 12.25
CA GLY A 428 -24.61 -4.26 12.13
C GLY A 428 -25.18 -3.25 13.11
N GLU A 429 -25.89 -3.67 14.15
CA GLU A 429 -26.40 -2.75 15.15
C GLU A 429 -25.25 -2.02 15.82
N PRO A 430 -25.26 -0.68 15.87
CA PRO A 430 -24.21 0.03 16.62
C PRO A 430 -24.39 -0.22 18.11
N LEU A 431 -23.28 -0.49 18.81
CA LEU A 431 -23.36 -0.90 20.19
C LEU A 431 -22.55 0.00 21.10
N GLY A 432 -22.87 -0.07 22.39
CA GLY A 432 -22.02 0.55 23.38
C GLY A 432 -22.14 2.05 23.35
N SER A 433 -21.01 2.69 23.65
CA SER A 433 -20.92 4.15 23.60
C SER A 433 -21.07 4.64 22.16
N MET A 434 -22.04 5.52 21.94
CA MET A 434 -22.02 6.27 20.70
C MET A 434 -21.04 7.44 20.85
N GLN A 435 -20.84 8.19 19.76
CA GLN A 435 -20.06 9.43 19.78
C GLN A 435 -18.62 9.19 20.20
N GLN A 436 -18.07 8.06 19.76
N GLN A 436 -18.07 8.05 19.80
CA GLN A 436 -16.70 7.67 20.08
CA GLN A 436 -16.69 7.69 20.11
C GLN A 436 -15.73 8.40 19.15
C GLN A 436 -15.74 8.42 19.17
N SER A 437 -14.84 9.22 19.74
CA SER A 437 -13.94 10.04 18.95
C SER A 437 -13.11 9.22 17.97
N TRP A 438 -12.59 8.06 18.39
CA TRP A 438 -11.70 7.38 17.46
C TRP A 438 -12.44 6.76 16.28
N THR A 439 -13.73 6.49 16.40
CA THR A 439 -14.46 6.06 15.21
C THR A 439 -14.64 7.22 14.23
N ALA A 440 -15.03 8.39 14.74
CA ALA A 440 -15.07 9.61 13.91
C ALA A 440 -13.72 9.84 13.23
N ALA A 441 -12.61 9.61 13.98
CA ALA A 441 -11.28 9.82 13.40
C ALA A 441 -10.97 8.81 12.28
N ALA A 442 -11.36 7.56 12.46
CA ALA A 442 -11.11 6.56 11.42
C ALA A 442 -11.84 6.94 10.14
N VAL A 443 -13.12 7.32 10.27
CA VAL A 443 -13.94 7.76 9.16
C VAL A 443 -13.29 8.94 8.44
N LEU A 444 -12.89 9.96 9.21
CA LEU A 444 -12.26 11.11 8.58
C LEU A 444 -10.99 10.71 7.84
N ASP A 445 -10.15 9.88 8.46
CA ASP A 445 -8.93 9.48 7.76
C ASP A 445 -9.26 8.68 6.49
N TRP A 446 -10.22 7.76 6.57
CA TRP A 446 -10.60 6.99 5.37
C TRP A 446 -11.16 7.88 4.27
N LEU A 447 -12.00 8.86 4.62
N LEU A 447 -11.85 8.96 4.64
CA LEU A 447 -12.72 9.55 3.57
CA LEU A 447 -12.33 9.93 3.67
C LEU A 447 -11.78 10.39 2.73
C LEU A 447 -11.27 11.00 3.45
N GLY A 448 -10.69 10.87 3.33
N GLY A 448 -11.43 12.14 4.12
CA GLY A 448 -9.79 11.78 2.63
CA GLY A 448 -10.57 13.28 3.92
C GLY A 448 -10.58 12.92 2.03
C GLY A 448 -9.09 13.06 4.19
N PRO B 4 -16.10 27.48 -20.08
CA PRO B 4 -15.70 28.89 -20.01
C PRO B 4 -14.77 29.20 -18.84
N HIS B 5 -15.29 29.11 -17.60
CA HIS B 5 -14.49 29.38 -16.42
C HIS B 5 -13.78 28.14 -15.88
N ASP B 6 -14.26 26.94 -16.18
CA ASP B 6 -13.69 25.71 -15.65
C ASP B 6 -13.94 24.56 -16.63
N PRO B 7 -12.98 24.30 -17.52
CA PRO B 7 -13.15 23.22 -18.51
C PRO B 7 -12.84 21.82 -17.98
N SER B 8 -12.57 21.65 -16.70
CA SER B 8 -12.37 20.33 -16.15
C SER B 8 -13.71 19.62 -15.96
N PHE B 9 -13.69 18.29 -16.01
CA PHE B 9 -14.86 17.47 -15.79
C PHE B 9 -14.88 16.95 -14.35
N THR B 10 -16.10 16.76 -13.82
CA THR B 10 -16.27 16.08 -12.54
C THR B 10 -15.74 14.66 -12.63
N PRO B 11 -15.47 14.02 -11.47
CA PRO B 11 -15.06 12.60 -11.52
C PRO B 11 -16.04 11.72 -12.26
N THR B 12 -17.35 11.91 -12.08
CA THR B 12 -18.31 11.05 -12.77
C THR B 12 -18.33 11.34 -14.26
N GLN B 13 -18.27 12.61 -14.65
CA GLN B 13 -18.22 12.94 -16.07
C GLN B 13 -16.96 12.36 -16.70
N LEU B 14 -15.85 12.41 -15.98
CA LEU B 14 -14.59 11.94 -16.54
C LEU B 14 -14.60 10.43 -16.66
N ALA B 15 -15.12 9.72 -15.66
CA ALA B 15 -15.20 8.26 -15.78
C ALA B 15 -16.10 7.87 -16.97
N ALA B 16 -17.23 8.58 -17.12
CA ALA B 16 -18.14 8.30 -18.23
C ALA B 16 -17.45 8.49 -19.57
N ARG B 17 -16.77 9.62 -19.74
N ARG B 17 -16.75 9.61 -19.74
CA ARG B 17 -16.10 9.89 -21.01
CA ARG B 17 -16.11 9.89 -21.02
C ARG B 17 -14.97 8.91 -21.28
C ARG B 17 -14.93 8.98 -21.28
N ALA B 18 -14.26 8.50 -20.23
CA ALA B 18 -13.20 7.51 -20.40
C ALA B 18 -13.77 6.21 -20.93
N ALA B 19 -14.84 5.72 -20.29
CA ALA B 19 -15.47 4.49 -20.71
C ALA B 19 -16.03 4.63 -22.11
N TYR B 20 -16.58 5.81 -22.43
CA TYR B 20 -17.14 6.07 -23.74
C TYR B 20 -16.06 6.02 -24.81
N LEU B 21 -14.89 6.60 -24.52
CA LEU B 21 -13.77 6.52 -25.47
C LEU B 21 -13.33 5.06 -25.69
N LEU B 22 -13.13 4.31 -24.60
CA LEU B 22 -12.65 2.94 -24.72
C LEU B 22 -13.57 2.11 -25.59
N ARG B 23 -14.88 2.25 -25.38
CA ARG B 23 -15.81 1.46 -26.18
C ARG B 23 -15.80 1.93 -27.63
N GLY B 24 -15.66 3.24 -27.85
CA GLY B 24 -15.58 3.76 -29.20
C GLY B 24 -14.34 3.31 -29.95
N ASN B 25 -13.26 2.98 -29.23
CA ASN B 25 -12.05 2.44 -29.85
C ASN B 25 -12.09 0.92 -30.01
N ASP B 26 -13.22 0.29 -29.69
CA ASP B 26 -13.34 -1.16 -29.74
C ASP B 26 -13.69 -1.59 -31.17
N LEU B 27 -12.82 -2.38 -31.80
CA LEU B 27 -13.11 -2.90 -33.12
C LEU B 27 -13.97 -4.16 -33.09
N GLY B 28 -14.20 -4.74 -31.90
CA GLY B 28 -14.90 -6.00 -31.82
C GLY B 28 -14.24 -6.94 -30.83
N THR B 29 -13.02 -7.39 -31.13
CA THR B 29 -12.23 -8.18 -30.20
C THR B 29 -10.91 -7.54 -29.85
N MET B 30 -10.59 -6.39 -30.45
CA MET B 30 -9.41 -5.62 -30.07
C MET B 30 -9.78 -4.15 -30.01
N THR B 31 -9.02 -3.42 -29.20
CA THR B 31 -9.16 -1.99 -28.98
C THR B 31 -7.95 -1.29 -29.60
N THR B 32 -8.19 -0.25 -30.40
CA THR B 32 -7.07 0.45 -31.04
C THR B 32 -6.33 1.26 -29.97
N ALA B 33 -5.02 1.41 -30.13
CA ALA B 33 -4.28 2.24 -29.18
C ALA B 33 -4.75 3.69 -29.25
N ALA B 34 -5.01 4.19 -30.46
CA ALA B 34 -5.66 5.48 -30.57
C ALA B 34 -6.29 5.53 -31.95
N PRO B 35 -7.52 6.05 -32.08
CA PRO B 35 -8.31 5.82 -33.31
C PRO B 35 -7.64 6.24 -34.59
N LEU B 36 -6.91 7.33 -34.62
CA LEU B 36 -6.37 7.75 -35.92
C LEU B 36 -4.88 7.55 -36.06
N LEU B 37 -4.09 7.81 -35.02
CA LEU B 37 -2.64 7.67 -35.19
C LEU B 37 -2.21 6.21 -35.08
N TYR B 38 -2.83 5.43 -34.19
CA TYR B 38 -2.42 4.05 -33.90
C TYR B 38 -3.62 3.12 -33.97
N PRO B 39 -4.18 2.91 -35.19
CA PRO B 39 -5.45 2.17 -35.29
C PRO B 39 -5.28 0.65 -35.28
N HIS B 40 -4.42 0.13 -34.41
CA HIS B 40 -4.17 -1.30 -34.29
C HIS B 40 -4.01 -1.63 -32.82
N MET B 41 -3.84 -2.90 -32.51
CA MET B 41 -3.58 -3.33 -31.14
C MET B 41 -2.07 -3.25 -30.88
N TRP B 42 -1.65 -2.41 -29.94
CA TRP B 42 -0.28 -2.46 -29.43
C TRP B 42 -0.23 -3.29 -28.15
N SER B 43 0.94 -3.90 -27.88
CA SER B 43 1.02 -4.93 -26.83
C SER B 43 0.85 -4.36 -25.41
N TRP B 44 1.70 -3.43 -24.99
CA TRP B 44 1.48 -3.01 -23.60
C TRP B 44 0.31 -2.05 -23.48
N ASP B 45 -0.07 -1.35 -24.57
CA ASP B 45 -1.34 -0.65 -24.56
C ASP B 45 -2.50 -1.60 -24.28
N ALA B 46 -2.50 -2.78 -24.92
CA ALA B 46 -3.59 -3.74 -24.72
C ALA B 46 -3.68 -4.21 -23.26
N ALA B 47 -2.52 -4.40 -22.60
CA ALA B 47 -2.57 -4.74 -21.17
C ALA B 47 -3.27 -3.63 -20.37
N PHE B 48 -2.89 -2.37 -20.64
CA PHE B 48 -3.55 -1.25 -19.96
C PHE B 48 -5.02 -1.16 -20.35
N VAL B 49 -5.35 -1.43 -21.60
CA VAL B 49 -6.77 -1.41 -21.99
C VAL B 49 -7.55 -2.46 -21.20
N ALA B 50 -6.99 -3.65 -21.06
CA ALA B 50 -7.64 -4.70 -20.25
C ALA B 50 -7.87 -4.21 -18.81
N ILE B 51 -6.90 -3.48 -18.24
CA ILE B 51 -7.08 -2.87 -16.93
C ILE B 51 -8.25 -1.88 -16.94
N GLY B 52 -8.32 -1.01 -17.96
CA GLY B 52 -9.43 -0.07 -18.04
C GLY B 52 -10.78 -0.72 -18.28
N LEU B 53 -10.80 -1.89 -18.92
CA LEU B 53 -12.06 -2.54 -19.19
C LEU B 53 -12.57 -3.31 -17.98
N ALA B 54 -11.66 -3.76 -17.11
CA ALA B 54 -12.07 -4.64 -16.02
C ALA B 54 -13.20 -4.08 -15.16
N PRO B 55 -13.27 -2.78 -14.85
CA PRO B 55 -14.47 -2.26 -14.13
C PRO B 55 -15.72 -2.21 -14.98
N LEU B 56 -15.60 -2.24 -16.30
CA LEU B 56 -16.78 -2.15 -17.17
C LEU B 56 -17.34 -3.52 -17.51
N SER B 57 -16.47 -4.51 -17.69
CA SER B 57 -16.87 -5.84 -18.13
C SER B 57 -15.68 -6.77 -18.02
N VAL B 58 -15.71 -7.68 -17.04
CA VAL B 58 -14.64 -8.66 -16.92
C VAL B 58 -14.54 -9.51 -18.19
N GLU B 59 -15.69 -9.84 -18.80
CA GLU B 59 -15.66 -10.66 -20.00
C GLU B 59 -14.94 -9.94 -21.14
N ARG B 60 -15.20 -8.64 -21.33
CA ARG B 60 -14.54 -7.95 -22.43
C ARG B 60 -13.08 -7.68 -22.14
N ALA B 61 -12.71 -7.43 -20.86
CA ALA B 61 -11.29 -7.33 -20.54
C ALA B 61 -10.55 -8.64 -20.86
N VAL B 62 -11.17 -9.78 -20.57
CA VAL B 62 -10.54 -11.07 -20.86
C VAL B 62 -10.37 -11.26 -22.36
N VAL B 63 -11.36 -10.83 -23.14
CA VAL B 63 -11.30 -10.90 -24.60
C VAL B 63 -10.10 -10.13 -25.13
N GLU B 64 -9.82 -8.97 -24.55
CA GLU B 64 -8.70 -8.17 -25.02
C GLU B 64 -7.41 -8.95 -24.89
N LEU B 65 -7.20 -9.58 -23.74
CA LEU B 65 -6.00 -10.40 -23.55
C LEU B 65 -6.05 -11.65 -24.40
N ASP B 66 -7.23 -12.26 -24.56
CA ASP B 66 -7.34 -13.43 -25.42
C ASP B 66 -6.90 -13.11 -26.85
N THR B 67 -7.26 -11.92 -27.34
CA THR B 67 -6.93 -11.54 -28.71
C THR B 67 -5.43 -11.29 -28.85
N LEU B 68 -4.82 -10.60 -27.90
CA LEU B 68 -3.38 -10.41 -27.94
C LEU B 68 -2.63 -11.75 -27.88
N LEU B 69 -3.03 -12.65 -26.97
CA LEU B 69 -2.36 -13.94 -26.87
C LEU B 69 -2.60 -14.84 -28.06
N SER B 70 -3.71 -14.66 -28.79
CA SER B 70 -3.88 -15.43 -30.03
C SER B 70 -2.83 -15.03 -31.07
N ALA B 71 -2.19 -13.87 -30.91
CA ALA B 71 -1.13 -13.44 -31.81
C ALA B 71 0.27 -13.78 -31.30
N GLN B 72 0.37 -14.49 -30.19
CA GLN B 72 1.68 -14.88 -29.66
C GLN B 72 2.43 -15.74 -30.69
N TRP B 73 3.72 -15.49 -30.80
CA TRP B 73 4.59 -16.27 -31.66
C TRP B 73 4.82 -17.67 -31.08
N ARG B 74 5.14 -18.61 -31.97
CA ARG B 74 5.38 -20.00 -31.56
C ARG B 74 6.46 -20.11 -30.48
N ASN B 75 7.41 -19.19 -30.43
CA ASN B 75 8.47 -19.30 -29.43
C ASN B 75 8.09 -18.65 -28.10
N GLY B 76 6.86 -18.13 -27.98
CA GLY B 76 6.44 -17.45 -26.77
C GLY B 76 6.39 -15.93 -26.86
N MET B 77 7.06 -15.33 -27.84
CA MET B 77 7.14 -13.86 -27.89
C MET B 77 5.79 -13.25 -28.17
N ILE B 78 5.42 -12.25 -27.39
CA ILE B 78 4.27 -11.40 -27.70
C ILE B 78 4.76 -10.24 -28.56
N PRO B 79 4.33 -10.13 -29.82
CA PRO B 79 4.75 -9.02 -30.68
C PRO B 79 4.08 -7.72 -30.26
N HIS B 80 4.71 -6.60 -30.65
CA HIS B 80 4.26 -5.31 -30.12
C HIS B 80 3.10 -4.70 -30.90
N ILE B 81 2.87 -5.11 -32.15
CA ILE B 81 1.69 -4.70 -32.89
C ILE B 81 0.96 -5.95 -33.38
N VAL B 82 -0.34 -6.00 -33.13
CA VAL B 82 -1.26 -6.93 -33.79
C VAL B 82 -2.13 -6.09 -34.71
N PHE B 83 -1.97 -6.28 -36.01
CA PHE B 83 -2.64 -5.43 -36.99
C PHE B 83 -4.10 -5.81 -37.11
N ALA B 84 -4.94 -4.79 -37.22
CA ALA B 84 -6.35 -4.98 -37.51
C ALA B 84 -6.54 -5.27 -39.00
N ASN B 85 -7.61 -5.99 -39.32
CA ASN B 85 -7.84 -6.57 -40.64
C ASN B 85 -7.35 -5.74 -41.84
N GLY B 86 -7.17 -4.43 -41.71
CA GLY B 86 -6.50 -3.72 -42.78
C GLY B 86 -6.63 -2.23 -42.91
N VAL B 87 -6.12 -1.48 -41.93
CA VAL B 87 -5.90 -0.05 -42.09
C VAL B 87 -4.42 0.17 -42.38
N ASP B 88 -4.14 0.70 -43.58
CA ASP B 88 -2.79 0.94 -44.02
C ASP B 88 -2.36 2.40 -43.81
N GLY B 89 -3.05 3.08 -42.88
CA GLY B 89 -2.61 4.39 -42.43
C GLY B 89 -1.48 4.35 -41.44
N TYR B 90 -1.20 3.18 -40.86
CA TYR B 90 0.00 3.02 -40.03
C TYR B 90 1.14 2.46 -40.86
N PHE B 91 2.35 2.98 -40.59
CA PHE B 91 3.56 2.51 -41.22
C PHE B 91 4.64 2.51 -40.14
N PRO B 92 5.48 1.47 -40.08
CA PRO B 92 5.49 0.29 -40.96
C PRO B 92 4.39 -0.73 -40.68
N GLY B 93 3.78 -1.25 -41.74
CA GLY B 93 2.71 -2.21 -41.62
C GLY B 93 3.16 -3.61 -41.99
N PRO B 94 2.18 -4.52 -42.17
CA PRO B 94 2.53 -5.93 -42.42
C PRO B 94 3.47 -6.13 -43.59
N ALA B 95 3.25 -5.42 -44.70
CA ALA B 95 4.13 -5.58 -45.85
C ALA B 95 5.57 -5.28 -45.48
N ARG B 96 5.79 -4.21 -44.70
CA ARG B 96 7.16 -3.84 -44.38
C ARG B 96 7.80 -4.81 -43.40
N TRP B 97 7.01 -5.30 -42.44
CA TRP B 97 7.54 -6.26 -41.46
C TRP B 97 7.78 -7.62 -42.10
N ALA B 98 6.88 -8.05 -42.98
CA ALA B 98 7.01 -9.31 -43.73
C ALA B 98 7.11 -10.52 -42.81
N THR B 99 6.58 -10.42 -41.59
CA THR B 99 6.67 -11.55 -40.67
C THR B 99 5.85 -12.74 -41.16
N ALA B 100 4.73 -12.49 -41.83
CA ALA B 100 3.90 -13.59 -42.31
C ALA B 100 4.67 -14.50 -43.27
N THR B 101 5.62 -13.96 -44.02
CA THR B 101 6.39 -14.80 -44.93
C THR B 101 7.74 -15.24 -44.38
N LEU B 102 8.44 -14.38 -43.65
CA LEU B 102 9.83 -14.66 -43.26
C LEU B 102 9.98 -15.33 -41.90
N ALA B 103 9.05 -15.11 -40.96
CA ALA B 103 9.22 -15.54 -39.57
C ALA B 103 8.59 -16.90 -39.37
N ASP B 104 9.43 -17.94 -39.22
CA ASP B 104 8.90 -19.27 -38.91
C ASP B 104 8.00 -19.30 -37.68
N ASN B 105 8.24 -18.44 -36.69
CA ASN B 105 7.48 -18.46 -35.44
C ASN B 105 6.27 -17.54 -35.44
N ALA B 106 6.00 -16.82 -36.52
CA ALA B 106 4.86 -15.91 -36.54
C ALA B 106 3.56 -16.71 -36.39
N PRO B 107 2.51 -16.10 -35.86
CA PRO B 107 1.23 -16.82 -35.74
C PRO B 107 0.55 -16.97 -37.10
N ARG B 108 -0.37 -17.93 -37.18
N ARG B 108 -0.33 -17.96 -37.16
CA ARG B 108 -0.94 -18.31 -38.46
CA ARG B 108 -1.22 -18.14 -38.30
C ARG B 108 -2.14 -17.48 -38.90
C ARG B 108 -2.49 -17.32 -38.11
N ASN B 109 -2.98 -17.02 -37.98
N ASN B 109 -2.92 -16.68 -39.20
CA ASN B 109 -4.17 -16.28 -38.43
CA ASN B 109 -4.17 -15.93 -39.29
C ASN B 109 -4.17 -14.86 -37.88
C ASN B 109 -4.18 -14.67 -38.43
N ARG B 110 -3.02 -14.22 -37.96
CA ARG B 110 -2.83 -12.87 -37.44
C ARG B 110 -1.67 -12.26 -38.21
N LEU B 111 -1.73 -10.96 -38.46
CA LEU B 111 -0.59 -10.20 -38.94
C LEU B 111 -0.04 -9.41 -37.77
N THR B 112 1.26 -9.56 -37.51
CA THR B 112 1.89 -8.92 -36.37
C THR B 112 3.22 -8.32 -36.77
N SER B 113 3.81 -7.54 -35.84
CA SER B 113 5.18 -7.05 -35.99
C SER B 113 6.17 -8.17 -35.65
N GLY B 114 7.46 -7.85 -35.72
CA GLY B 114 8.49 -8.83 -35.42
C GLY B 114 9.35 -8.50 -34.20
N ILE B 115 8.86 -7.60 -33.33
CA ILE B 115 9.57 -7.19 -32.13
C ILE B 115 8.59 -7.26 -30.97
N THR B 116 9.10 -7.01 -29.76
CA THR B 116 8.32 -7.19 -28.55
C THR B 116 8.14 -5.84 -27.85
N GLN B 117 7.54 -5.89 -26.65
CA GLN B 117 7.26 -4.70 -25.84
C GLN B 117 7.13 -5.16 -24.40
N PRO B 118 7.12 -4.22 -23.43
CA PRO B 118 7.32 -4.61 -22.03
C PRO B 118 6.18 -5.47 -21.49
N PRO B 119 6.49 -6.39 -20.56
CA PRO B 119 5.55 -7.42 -20.12
C PRO B 119 4.71 -6.99 -18.91
N VAL B 120 3.92 -5.94 -19.08
CA VAL B 120 2.96 -5.53 -18.05
C VAL B 120 1.71 -6.42 -18.01
N HIS B 121 1.63 -7.43 -18.89
CA HIS B 121 0.44 -8.27 -19.03
C HIS B 121 0.04 -8.93 -17.70
N ALA B 122 0.99 -9.49 -16.93
CA ALA B 122 0.61 -10.09 -15.65
C ALA B 122 -0.08 -9.09 -14.72
N ILE B 123 0.32 -7.82 -14.75
CA ILE B 123 -0.36 -6.80 -13.95
C ILE B 123 -1.82 -6.65 -14.37
N ALA B 124 -2.09 -6.62 -15.67
CA ALA B 124 -3.48 -6.58 -16.12
C ALA B 124 -4.26 -7.77 -15.59
N VAL B 125 -3.65 -8.98 -15.66
CA VAL B 125 -4.33 -10.16 -15.14
C VAL B 125 -4.68 -10.01 -13.67
N GLN B 126 -3.74 -9.50 -12.87
CA GLN B 126 -4.07 -9.28 -11.45
C GLN B 126 -5.26 -8.34 -11.28
N ARG B 127 -5.33 -7.23 -12.04
CA ARG B 127 -6.44 -6.29 -11.87
C ARG B 127 -7.76 -6.92 -12.29
N ILE B 128 -7.75 -7.76 -13.33
CA ILE B 128 -8.96 -8.45 -13.75
C ILE B 128 -9.45 -9.37 -12.64
N LEU B 129 -8.53 -10.14 -12.05
CA LEU B 129 -8.91 -11.06 -10.98
C LEU B 129 -9.44 -10.29 -9.77
N GLU B 130 -8.80 -9.19 -9.40
CA GLU B 130 -9.27 -8.41 -8.25
C GLU B 130 -10.68 -7.87 -8.49
N HIS B 131 -10.94 -7.34 -9.70
CA HIS B 131 -12.30 -6.90 -10.03
C HIS B 131 -13.27 -8.07 -10.01
N ALA B 132 -12.87 -9.20 -10.61
CA ALA B 132 -13.78 -10.34 -10.70
C ALA B 132 -14.16 -10.87 -9.31
N ARG B 133 -13.24 -10.81 -8.35
CA ARG B 133 -13.57 -11.27 -7.01
C ARG B 133 -14.53 -10.34 -6.30
N THR B 134 -14.61 -9.06 -6.68
CA THR B 134 -15.65 -8.24 -6.06
C THR B 134 -17.01 -8.40 -6.74
N ARG B 135 -17.10 -9.12 -7.86
CA ARG B 135 -18.33 -9.16 -8.63
C ARG B 135 -19.11 -10.46 -8.47
N GLY B 136 -18.61 -11.44 -7.76
CA GLY B 136 -19.45 -12.60 -7.52
C GLY B 136 -19.20 -13.75 -8.48
N ARG B 137 -20.08 -14.74 -8.34
CA ARG B 137 -19.74 -16.11 -8.71
C ARG B 137 -19.46 -16.25 -10.20
N SER B 138 -20.41 -15.84 -11.05
CA SER B 138 -20.25 -16.09 -12.48
C SER B 138 -19.12 -15.26 -13.08
N THR B 139 -18.86 -14.06 -12.54
CA THR B 139 -17.73 -13.26 -13.02
C THR B 139 -16.38 -13.88 -12.62
N ARG B 140 -16.28 -14.40 -11.39
CA ARG B 140 -15.09 -15.17 -11.02
C ARG B 140 -14.85 -16.33 -11.97
N ALA B 141 -15.92 -17.05 -12.34
CA ALA B 141 -15.78 -18.17 -13.25
C ALA B 141 -15.22 -17.73 -14.60
N VAL B 142 -15.63 -16.56 -15.09
CA VAL B 142 -15.08 -16.04 -16.34
C VAL B 142 -13.57 -15.81 -16.19
N ALA B 143 -13.15 -15.21 -15.09
CA ALA B 143 -11.74 -14.89 -14.92
C ALA B 143 -10.91 -16.16 -14.71
N GLU B 144 -11.46 -17.11 -13.95
CA GLU B 144 -10.76 -18.39 -13.72
C GLU B 144 -10.65 -19.19 -15.01
N ALA B 145 -11.70 -19.18 -15.85
CA ALA B 145 -11.59 -19.89 -17.11
C ALA B 145 -10.54 -19.26 -18.01
N PHE B 146 -10.33 -17.95 -17.89
CA PHE B 146 -9.26 -17.32 -18.65
C PHE B 146 -7.89 -17.87 -18.21
N LEU B 147 -7.67 -17.95 -16.89
CA LEU B 147 -6.42 -18.49 -16.38
C LEU B 147 -6.21 -19.92 -16.87
N ASP B 148 -7.26 -20.75 -16.80
CA ASP B 148 -7.15 -22.11 -17.31
C ASP B 148 -6.72 -22.10 -18.77
N ARG B 149 -7.27 -21.19 -19.55
CA ARG B 149 -7.06 -21.14 -20.98
C ARG B 149 -5.68 -20.58 -21.34
N ARG B 150 -5.14 -19.67 -20.53
CA ARG B 150 -4.00 -18.86 -20.92
C ARG B 150 -2.82 -18.91 -19.96
N TRP B 151 -2.93 -19.61 -18.82
CA TRP B 151 -1.78 -19.73 -17.93
C TRP B 151 -0.53 -20.22 -18.68
N GLY B 152 -0.70 -21.28 -19.48
CA GLY B 152 0.43 -21.83 -20.22
C GLY B 152 1.04 -20.84 -21.19
N ASP B 153 0.20 -20.04 -21.85
CA ASP B 153 0.69 -19.02 -22.78
C ASP B 153 1.41 -17.89 -22.04
N LEU B 154 0.91 -17.49 -20.87
CA LEU B 154 1.60 -16.47 -20.09
C LEU B 154 2.96 -16.97 -19.62
N MET B 155 3.02 -18.23 -19.18
CA MET B 155 4.30 -18.83 -18.85
C MET B 155 5.26 -18.81 -20.03
N ARG B 156 4.76 -19.11 -21.24
CA ARG B 156 5.66 -19.18 -22.40
C ARG B 156 6.17 -17.81 -22.81
N TRP B 157 5.35 -16.77 -22.63
CA TRP B 157 5.78 -15.38 -22.74
C TRP B 157 6.93 -15.08 -21.77
N HIS B 158 6.71 -15.34 -20.48
CA HIS B 158 7.79 -15.08 -19.51
C HIS B 158 9.02 -15.96 -19.77
N ARG B 159 8.82 -17.19 -20.22
CA ARG B 159 9.96 -18.06 -20.45
C ARG B 159 10.80 -17.58 -21.64
N TRP B 160 10.14 -17.05 -22.68
CA TRP B 160 10.87 -16.56 -23.83
C TRP B 160 11.71 -15.33 -23.47
N LEU B 161 11.16 -14.42 -22.68
CA LEU B 161 11.96 -13.29 -22.20
C LEU B 161 13.18 -13.79 -21.41
N ALA B 162 12.95 -14.66 -20.43
CA ALA B 162 14.03 -15.11 -19.55
C ALA B 162 15.11 -15.89 -20.29
N GLU B 163 14.71 -16.68 -21.30
CA GLU B 163 15.65 -17.58 -21.95
C GLU B 163 16.23 -17.05 -23.26
N CYS B 164 15.44 -16.34 -24.06
CA CYS B 164 15.95 -15.84 -25.33
C CYS B 164 16.42 -14.39 -25.27
N ARG B 165 15.90 -13.59 -24.34
CA ARG B 165 16.35 -12.21 -24.25
C ARG B 165 17.26 -11.97 -23.05
N ASP B 166 17.60 -13.02 -22.30
CA ASP B 166 18.64 -12.97 -21.28
C ASP B 166 19.46 -14.26 -21.40
N ARG B 167 20.11 -14.41 -22.55
CA ARG B 167 20.81 -15.65 -22.88
C ARG B 167 21.94 -15.94 -21.91
N ASN B 168 22.49 -14.93 -21.27
CA ASN B 168 23.63 -15.14 -20.39
C ASN B 168 23.23 -15.18 -18.92
N GLU B 169 21.92 -15.19 -18.64
CA GLU B 169 21.39 -15.18 -17.29
C GLU B 169 22.00 -14.04 -16.49
N ARG B 170 21.95 -12.84 -17.07
CA ARG B 170 22.37 -11.63 -16.39
C ARG B 170 21.24 -10.96 -15.61
N GLY B 171 20.01 -11.43 -15.74
CA GLY B 171 18.93 -10.72 -15.08
C GLY B 171 18.57 -9.37 -15.69
N ARG B 172 18.85 -9.19 -16.99
CA ARG B 172 18.40 -8.02 -17.72
C ARG B 172 17.95 -8.45 -19.12
N ILE B 173 16.89 -7.81 -19.64
CA ILE B 173 16.35 -8.12 -20.96
C ILE B 173 17.14 -7.35 -22.02
N THR B 174 17.64 -8.07 -23.03
CA THR B 174 18.21 -7.44 -24.21
C THR B 174 17.14 -7.04 -25.22
N LEU B 175 17.26 -5.82 -25.76
CA LEU B 175 16.38 -5.35 -26.84
C LEU B 175 17.18 -5.17 -28.11
N TYR B 176 16.52 -5.44 -29.24
CA TYR B 176 17.09 -5.26 -30.56
C TYR B 176 16.53 -4.06 -31.29
N HIS B 177 15.63 -3.30 -30.66
CA HIS B 177 15.04 -2.09 -31.23
C HIS B 177 14.56 -1.21 -30.09
N GLY B 178 14.81 0.10 -30.22
CA GLY B 178 14.30 1.03 -29.22
C GLY B 178 12.78 0.98 -29.08
N TRP B 179 12.09 0.63 -30.17
CA TRP B 179 10.63 0.46 -30.10
C TRP B 179 10.23 -0.57 -29.05
N GLU B 180 11.07 -1.57 -28.79
CA GLU B 180 10.74 -2.59 -27.80
C GLU B 180 10.74 -2.04 -26.38
N SER B 181 11.40 -0.90 -26.14
CA SER B 181 11.40 -0.30 -24.79
C SER B 181 10.08 0.39 -24.48
N GLY B 182 9.23 0.61 -25.47
CA GLY B 182 8.09 1.46 -25.31
C GLY B 182 8.41 2.94 -25.31
N MET B 183 9.69 3.30 -25.18
CA MET B 183 10.10 4.69 -25.13
C MET B 183 10.97 5.00 -26.35
N ASP B 184 10.32 5.07 -27.52
CA ASP B 184 10.99 5.12 -28.81
C ASP B 184 12.18 6.07 -28.80
N ASN B 185 11.94 7.35 -28.53
CA ASN B 185 12.97 8.36 -28.73
C ASN B 185 13.57 8.85 -27.41
N SER B 186 13.50 8.03 -26.39
CA SER B 186 14.11 8.36 -25.12
C SER B 186 15.58 8.67 -25.33
N PRO B 187 16.14 9.69 -24.67
CA PRO B 187 17.59 9.90 -24.73
C PRO B 187 18.39 8.70 -24.30
N ARG B 188 17.77 7.74 -23.59
CA ARG B 188 18.41 6.48 -23.24
C ARG B 188 19.11 5.83 -24.42
N TRP B 189 18.50 5.86 -25.60
CA TRP B 189 18.99 5.12 -26.75
C TRP B 189 19.77 5.98 -27.74
N ASP B 190 20.13 7.21 -27.38
CA ASP B 190 20.76 8.09 -28.36
C ASP B 190 22.12 7.56 -28.80
N SER B 191 22.96 7.13 -27.85
CA SER B 191 24.30 6.72 -28.24
C SER B 191 24.30 5.36 -28.93
N ALA B 192 23.33 4.50 -28.61
CA ALA B 192 23.22 3.23 -29.34
C ALA B 192 22.72 3.45 -30.76
N TYR B 193 21.76 4.36 -30.95
CA TYR B 193 21.30 4.68 -32.29
C TYR B 193 22.40 5.39 -33.09
N ALA B 194 23.21 6.21 -32.43
CA ALA B 194 24.31 6.88 -33.13
C ALA B 194 25.26 5.90 -33.82
N ASN B 195 25.31 4.65 -33.37
CA ASN B 195 26.17 3.64 -33.96
C ASN B 195 25.43 2.74 -34.94
N VAL B 196 24.18 3.05 -35.25
CA VAL B 196 23.45 2.33 -36.28
C VAL B 196 23.62 3.10 -37.58
N VAL B 197 24.38 2.53 -38.51
CA VAL B 197 24.67 3.19 -39.78
C VAL B 197 23.95 2.41 -40.89
N PRO B 198 22.84 2.93 -41.39
CA PRO B 198 22.01 2.17 -42.33
C PRO B 198 22.59 2.14 -43.74
N GLY B 199 22.21 1.08 -44.46
CA GLY B 199 22.55 0.92 -45.86
C GLY B 199 21.46 1.43 -46.78
N LYS B 200 21.39 0.84 -47.97
CA LYS B 200 20.30 1.19 -48.89
C LYS B 200 18.99 0.66 -48.33
N LEU B 201 18.06 1.57 -48.07
CA LEU B 201 16.77 1.30 -47.45
C LEU B 201 15.67 1.23 -48.51
N PRO B 202 14.72 0.30 -48.40
CA PRO B 202 13.62 0.26 -49.37
C PRO B 202 12.76 1.52 -49.30
N GLU B 203 12.15 1.85 -50.43
CA GLU B 203 11.43 3.11 -50.57
C GLU B 203 10.23 3.18 -49.63
N TYR B 204 10.14 4.27 -48.87
CA TYR B 204 9.00 4.49 -47.99
C TYR B 204 8.59 5.96 -47.92
N THR B 213 1.57 16.42 -38.98
CA THR B 213 1.19 16.96 -37.67
C THR B 213 2.27 17.91 -37.13
N ASP B 214 2.46 17.91 -35.80
CA ASP B 214 3.41 18.83 -35.17
C ASP B 214 4.79 18.20 -35.11
N PRO B 215 5.82 18.81 -35.72
CA PRO B 215 7.17 18.21 -35.69
C PRO B 215 7.84 18.27 -34.33
N SER B 216 7.35 19.11 -33.42
CA SER B 216 7.91 19.21 -32.07
C SER B 216 7.56 18.00 -31.20
N GLN B 217 6.69 17.11 -31.66
CA GLN B 217 6.23 15.98 -30.87
C GLN B 217 6.58 14.62 -31.49
N ARG B 218 7.23 14.61 -32.66
CA ARG B 218 7.56 13.39 -33.37
C ARG B 218 9.08 13.26 -33.52
N PRO B 219 9.61 12.02 -33.50
CA PRO B 219 11.03 11.81 -33.79
C PRO B 219 11.43 12.32 -35.18
N SER B 220 12.74 12.25 -35.45
CA SER B 220 13.36 12.88 -36.61
C SER B 220 13.41 11.93 -37.81
N ASP B 221 13.43 12.52 -39.01
CA ASP B 221 13.45 11.71 -40.23
C ASP B 221 14.76 10.93 -40.36
N GLY B 222 15.84 11.41 -39.78
CA GLY B 222 17.08 10.64 -39.74
C GLY B 222 16.99 9.55 -38.70
N GLU B 223 16.32 9.86 -37.57
CA GLU B 223 16.03 8.84 -36.57
C GLU B 223 15.22 7.68 -37.15
N TYR B 224 14.38 7.96 -38.14
CA TYR B 224 13.48 6.93 -38.65
C TYR B 224 14.15 6.00 -39.66
N ASP B 225 15.14 6.49 -40.41
CA ASP B 225 15.92 5.59 -41.26
C ASP B 225 16.66 4.55 -40.43
N ARG B 226 17.10 4.93 -39.23
CA ARG B 226 17.72 3.96 -38.34
C ARG B 226 16.68 2.97 -37.82
N TYR B 227 15.50 3.45 -37.44
CA TYR B 227 14.43 2.57 -36.99
C TYR B 227 14.11 1.53 -38.05
N LEU B 228 14.01 1.95 -39.31
CA LEU B 228 13.67 1.03 -40.39
C LEU B 228 14.85 0.14 -40.78
N TRP B 229 16.08 0.64 -40.63
CA TRP B 229 17.23 -0.19 -40.97
C TRP B 229 17.33 -1.40 -40.05
N LEU B 230 17.10 -1.21 -38.75
CA LEU B 230 17.13 -2.34 -37.83
C LEU B 230 16.17 -3.44 -38.28
N LEU B 231 15.01 -3.04 -38.79
N LEU B 231 15.00 -3.05 -38.79
CA LEU B 231 14.03 -3.99 -39.32
CA LEU B 231 14.05 -4.03 -39.30
C LEU B 231 14.62 -4.80 -40.45
C LEU B 231 14.64 -4.83 -40.45
N GLU B 232 15.36 -4.16 -41.36
CA GLU B 232 16.00 -4.88 -42.46
C GLU B 232 16.96 -5.95 -41.93
N GLU B 233 17.66 -5.64 -40.83
CA GLU B 233 18.62 -6.60 -40.27
C GLU B 233 17.92 -7.82 -39.71
N MET B 234 16.81 -7.62 -38.98
CA MET B 234 16.03 -8.74 -38.48
C MET B 234 15.47 -9.57 -39.63
N LYS B 235 14.96 -8.91 -40.68
CA LYS B 235 14.37 -9.66 -41.77
C LYS B 235 15.41 -10.54 -42.45
N ALA B 236 16.65 -10.03 -42.57
CA ALA B 236 17.68 -10.77 -43.29
C ALA B 236 18.00 -12.09 -42.61
N VAL B 237 17.84 -12.17 -41.30
CA VAL B 237 18.02 -13.44 -40.59
C VAL B 237 16.67 -14.06 -40.22
N ARG B 238 15.58 -13.66 -40.90
CA ARG B 238 14.27 -14.27 -40.75
C ARG B 238 13.80 -14.29 -39.29
N TYR B 239 14.14 -13.23 -38.55
CA TYR B 239 13.72 -13.07 -37.16
C TYR B 239 14.12 -14.25 -36.28
N ASP B 240 15.18 -14.96 -36.66
CA ASP B 240 15.64 -16.13 -35.92
C ASP B 240 16.36 -15.67 -34.64
N ASP B 241 15.84 -16.10 -33.49
CA ASP B 241 16.42 -15.78 -32.18
C ASP B 241 17.92 -16.07 -32.10
N GLU B 242 18.35 -17.22 -32.63
CA GLU B 242 19.75 -17.60 -32.46
C GLU B 242 20.69 -16.74 -33.29
N ARG B 243 20.19 -16.09 -34.34
CA ARG B 243 21.04 -15.33 -35.24
C ARG B 243 21.07 -13.84 -34.92
N LEU B 244 20.09 -13.33 -34.19
CA LEU B 244 20.05 -11.89 -33.98
C LEU B 244 21.29 -11.34 -33.27
N PRO B 245 21.86 -11.99 -32.25
CA PRO B 245 23.07 -11.41 -31.64
C PRO B 245 24.20 -11.28 -32.62
N SER B 246 24.20 -12.04 -33.72
CA SER B 246 25.27 -11.95 -34.71
C SER B 246 25.09 -10.80 -35.68
N VAL B 247 23.89 -10.25 -35.82
CA VAL B 247 23.62 -9.33 -36.92
C VAL B 247 23.09 -7.98 -36.49
N MET B 248 22.49 -7.85 -35.30
CA MET B 248 21.79 -6.61 -34.97
C MET B 248 22.78 -5.50 -34.65
N SER B 249 22.63 -4.35 -35.32
CA SER B 249 23.43 -3.17 -35.02
C SER B 249 23.00 -2.47 -33.75
N PHE B 250 22.00 -2.99 -33.03
CA PHE B 250 21.45 -2.35 -31.85
C PHE B 250 21.16 -3.45 -30.84
N GLN B 251 21.84 -3.43 -29.71
CA GLN B 251 21.69 -4.47 -28.69
C GLN B 251 21.89 -3.78 -27.36
N VAL B 252 20.81 -3.62 -26.60
N VAL B 252 20.80 -3.58 -26.62
CA VAL B 252 20.86 -2.84 -25.36
CA VAL B 252 20.85 -2.90 -25.35
C VAL B 252 20.06 -3.57 -24.29
C VAL B 252 20.15 -3.77 -24.32
N GLU B 253 20.62 -3.66 -23.08
CA GLU B 253 19.91 -4.22 -21.94
C GLU B 253 19.08 -3.08 -21.34
N ASP B 254 17.76 -3.29 -21.28
CA ASP B 254 16.80 -2.26 -20.89
C ASP B 254 16.43 -2.49 -19.42
N VAL B 255 16.96 -1.66 -18.53
CA VAL B 255 16.76 -1.85 -17.09
C VAL B 255 15.31 -1.58 -16.67
N PHE B 256 14.60 -0.71 -17.39
CA PHE B 256 13.20 -0.45 -17.05
C PHE B 256 12.32 -1.65 -17.41
N PHE B 257 12.45 -2.13 -18.65
CA PHE B 257 11.84 -3.39 -19.08
C PHE B 257 12.16 -4.53 -18.11
N SER B 258 13.42 -4.61 -17.67
CA SER B 258 13.83 -5.69 -16.78
C SER B 258 13.13 -5.60 -15.42
N ALA B 259 12.98 -4.38 -14.89
CA ALA B 259 12.29 -4.20 -13.60
C ALA B 259 10.81 -4.55 -13.72
N ILE B 260 10.17 -4.13 -14.80
CA ILE B 260 8.79 -4.52 -15.05
C ILE B 260 8.68 -6.04 -15.11
N PHE B 261 9.61 -6.70 -15.80
CA PHE B 261 9.58 -8.16 -15.87
C PHE B 261 9.68 -8.79 -14.49
N SER B 262 10.57 -8.26 -13.63
CA SER B 262 10.72 -8.80 -12.29
C SER B 262 9.42 -8.70 -11.52
N VAL B 263 8.77 -7.52 -11.57
CA VAL B 263 7.46 -7.33 -10.94
C VAL B 263 6.43 -8.29 -11.53
N ALA B 264 6.33 -8.32 -12.86
CA ALA B 264 5.39 -9.24 -13.51
C ALA B 264 5.60 -10.69 -13.09
N CYS B 265 6.85 -11.15 -12.99
CA CYS B 265 7.10 -12.54 -12.58
C CYS B 265 6.58 -12.78 -11.17
N GLN B 266 6.88 -11.86 -10.25
CA GLN B 266 6.39 -11.98 -8.88
C GLN B 266 4.86 -11.98 -8.83
N VAL B 267 4.22 -11.08 -9.59
CA VAL B 267 2.77 -10.99 -9.63
C VAL B 267 2.18 -12.29 -10.15
N LEU B 268 2.73 -12.80 -11.25
CA LEU B 268 2.19 -14.02 -11.84
C LEU B 268 2.43 -15.21 -10.91
N ALA B 269 3.58 -15.23 -10.20
CA ALA B 269 3.84 -16.32 -9.25
C ALA B 269 2.77 -16.37 -8.16
N GLU B 270 2.38 -15.20 -7.63
CA GLU B 270 1.32 -15.13 -6.62
C GLU B 270 -0.04 -15.57 -7.18
N ILE B 271 -0.39 -15.14 -8.39
CA ILE B 271 -1.58 -15.67 -9.05
C ILE B 271 -1.49 -17.18 -9.13
N GLY B 272 -0.34 -17.71 -9.58
CA GLY B 272 -0.20 -19.14 -9.74
C GLY B 272 -0.38 -19.90 -8.43
N GLU B 273 0.09 -19.31 -7.32
CA GLU B 273 -0.16 -19.91 -6.01
C GLU B 273 -1.64 -19.83 -5.64
N ASP B 274 -2.26 -18.66 -5.81
CA ASP B 274 -3.66 -18.50 -5.43
C ASP B 274 -4.58 -19.46 -6.19
N TYR B 275 -4.29 -19.77 -7.46
CA TYR B 275 -5.17 -20.62 -8.27
C TYR B 275 -4.56 -21.98 -8.56
N LYS B 276 -3.63 -22.42 -7.71
CA LYS B 276 -3.10 -23.78 -7.74
C LYS B 276 -2.59 -24.13 -9.14
N ARG B 277 -1.77 -23.26 -9.72
CA ARG B 277 -1.06 -23.61 -10.96
C ARG B 277 0.10 -24.55 -10.63
N PRO B 278 0.72 -25.18 -11.64
CA PRO B 278 1.77 -26.16 -11.34
C PRO B 278 2.92 -25.56 -10.54
N HIS B 279 3.36 -26.31 -9.52
CA HIS B 279 4.44 -25.81 -8.65
C HIS B 279 5.69 -25.46 -9.44
N ALA B 280 6.01 -26.19 -10.52
CA ALA B 280 7.23 -25.92 -11.26
C ALA B 280 7.18 -24.54 -11.93
N ASP B 281 6.01 -24.16 -12.44
CA ASP B 281 5.82 -22.83 -13.02
C ASP B 281 6.04 -21.73 -11.97
N VAL B 282 5.42 -21.89 -10.81
CA VAL B 282 5.50 -20.89 -9.74
C VAL B 282 6.95 -20.72 -9.28
N LYS B 283 7.65 -21.85 -9.12
CA LYS B 283 9.06 -21.82 -8.76
C LYS B 283 9.89 -21.04 -9.79
N ASP B 284 9.70 -21.33 -11.09
CA ASP B 284 10.43 -20.60 -12.13
C ASP B 284 10.12 -19.11 -12.08
N LEU B 285 8.84 -18.75 -11.90
CA LEU B 285 8.48 -17.35 -11.86
C LEU B 285 9.15 -16.65 -10.68
N TYR B 286 9.24 -17.31 -9.51
CA TYR B 286 9.93 -16.68 -8.40
C TYR B 286 11.43 -16.56 -8.68
N LEU B 287 12.01 -17.56 -9.36
CA LEU B 287 13.42 -17.49 -9.72
C LEU B 287 13.70 -16.33 -10.68
N TRP B 288 12.86 -16.15 -11.71
CA TRP B 288 13.03 -15.00 -12.60
C TRP B 288 12.79 -13.68 -11.88
N ALA B 289 11.77 -13.61 -11.02
CA ALA B 289 11.53 -12.38 -10.27
C ALA B 289 12.79 -11.95 -9.50
N GLU B 290 13.46 -12.91 -8.87
CA GLU B 290 14.67 -12.58 -8.09
C GLU B 290 15.84 -12.29 -9.01
N ARG B 291 16.00 -13.08 -10.09
CA ARG B 291 17.12 -12.87 -11.00
C ARG B 291 17.08 -11.47 -11.62
N PHE B 292 15.91 -11.01 -12.07
CA PHE B 292 15.83 -9.71 -12.72
C PHE B 292 15.85 -8.55 -11.71
N ARG B 293 15.35 -8.78 -10.50
CA ARG B 293 15.56 -7.81 -9.43
C ARG B 293 17.06 -7.54 -9.22
N ALA B 294 17.86 -8.62 -9.13
CA ALA B 294 19.29 -8.47 -8.90
C ALA B 294 19.97 -7.84 -10.10
N GLY B 295 19.57 -8.26 -11.31
CA GLY B 295 20.11 -7.65 -12.51
C GLY B 295 19.83 -6.16 -12.58
N VAL B 296 18.66 -5.75 -12.12
CA VAL B 296 18.35 -4.32 -12.08
C VAL B 296 19.25 -3.63 -11.07
N VAL B 297 19.38 -4.21 -9.87
CA VAL B 297 20.21 -3.59 -8.82
C VAL B 297 21.67 -3.50 -9.25
N GLU B 298 22.16 -4.49 -10.00
CA GLU B 298 23.55 -4.48 -10.40
C GLU B 298 23.90 -3.27 -11.27
N THR B 299 22.92 -2.68 -11.97
CA THR B 299 23.21 -1.49 -12.77
C THR B 299 23.30 -0.20 -11.95
N THR B 300 23.01 -0.20 -10.65
CA THR B 300 22.73 1.07 -10.01
C THR B 300 23.99 1.81 -9.55
N ASP B 301 23.91 3.13 -9.67
CA ASP B 301 24.89 4.01 -9.06
C ASP B 301 24.89 3.79 -7.56
N GLN B 302 26.08 3.59 -6.97
CA GLN B 302 26.14 3.26 -5.55
C GLN B 302 25.82 4.44 -4.64
N ARG B 303 25.94 5.68 -5.13
CA ARG B 303 25.55 6.80 -4.30
C ARG B 303 24.04 7.05 -4.39
N THR B 304 23.53 7.24 -5.62
CA THR B 304 22.17 7.71 -5.85
C THR B 304 21.16 6.60 -6.05
N GLY B 305 21.61 5.37 -6.36
CA GLY B 305 20.69 4.32 -6.69
C GLY B 305 20.18 4.33 -8.13
N ALA B 306 20.54 5.32 -8.94
CA ALA B 306 19.91 5.43 -10.26
C ALA B 306 20.32 4.25 -11.15
N ALA B 307 19.32 3.63 -11.80
CA ALA B 307 19.56 2.49 -12.67
C ALA B 307 20.04 2.90 -14.06
N ARG B 308 21.01 2.15 -14.60
CA ARG B 308 21.60 2.43 -15.90
C ARG B 308 21.23 1.37 -16.92
N ASP B 309 20.97 1.78 -18.16
CA ASP B 309 20.91 0.83 -19.28
C ASP B 309 22.34 0.45 -19.70
N PHE B 310 22.45 -0.62 -20.49
CA PHE B 310 23.78 -1.10 -20.89
C PHE B 310 23.77 -1.37 -22.39
N ASP B 311 24.74 -0.79 -23.08
CA ASP B 311 24.91 -1.01 -24.52
C ASP B 311 25.80 -2.23 -24.69
N VAL B 312 25.20 -3.35 -25.09
CA VAL B 312 25.91 -4.62 -25.22
C VAL B 312 26.99 -4.52 -26.29
N LEU B 313 26.69 -3.91 -27.44
CA LEU B 313 27.71 -3.80 -28.49
C LEU B 313 28.88 -2.93 -28.04
N ALA B 314 28.58 -1.72 -27.54
CA ALA B 314 29.63 -0.83 -27.08
C ALA B 314 30.25 -1.28 -25.77
N GLU B 315 29.61 -2.22 -25.07
CA GLU B 315 30.06 -2.67 -23.76
C GLU B 315 30.20 -1.50 -22.79
N LYS B 316 29.17 -0.67 -22.68
CA LYS B 316 29.29 0.45 -21.76
C LYS B 316 27.95 0.77 -21.14
N TRP B 317 28.01 1.33 -19.93
CA TRP B 317 26.81 1.76 -19.24
C TRP B 317 26.27 3.03 -19.90
N LEU B 318 24.97 3.08 -20.08
CA LEU B 318 24.32 4.27 -20.65
C LEU B 318 23.82 5.12 -19.50
N VAL B 319 24.47 6.25 -19.27
CA VAL B 319 24.10 7.15 -18.18
C VAL B 319 23.25 8.27 -18.76
N THR B 320 21.96 8.29 -18.41
CA THR B 320 21.04 9.32 -18.88
C THR B 320 20.12 9.68 -17.70
N GLU B 321 19.44 10.81 -17.82
CA GLU B 321 18.54 11.32 -16.76
C GLU B 321 17.09 11.23 -17.21
N THR B 322 16.54 10.02 -17.21
CA THR B 322 15.16 9.80 -17.57
C THR B 322 14.47 9.05 -16.44
N ALA B 323 13.15 8.95 -16.56
CA ALA B 323 12.39 8.21 -15.57
C ALA B 323 12.83 6.76 -15.47
N ALA B 324 13.53 6.21 -16.47
CA ALA B 324 13.97 4.82 -16.38
C ALA B 324 14.96 4.61 -15.24
N GLN B 325 15.67 5.67 -14.81
CA GLN B 325 16.60 5.57 -13.68
C GLN B 325 15.93 5.03 -12.44
N PHE B 326 14.61 5.21 -12.32
CA PHE B 326 13.85 4.81 -11.15
C PHE B 326 13.33 3.37 -11.25
N ALA B 327 13.76 2.61 -12.27
CA ALA B 327 13.42 1.17 -12.34
C ALA B 327 13.52 0.42 -11.01
N PRO B 328 14.57 0.58 -10.18
CA PRO B 328 14.63 -0.24 -8.95
C PRO B 328 13.51 0.05 -7.95
N LEU B 329 12.87 1.21 -8.02
CA LEU B 329 11.74 1.47 -7.13
C LEU B 329 10.59 0.54 -7.44
N LEU B 330 10.50 0.06 -8.70
CA LEU B 330 9.36 -0.76 -9.08
C LEU B 330 9.48 -2.16 -8.50
N CYS B 331 10.65 -2.76 -8.65
CA CYS B 331 10.84 -4.16 -8.35
C CYS B 331 11.46 -4.41 -6.97
N GLY B 332 11.99 -3.39 -6.32
CA GLY B 332 12.68 -3.59 -5.05
C GLY B 332 14.09 -4.13 -5.21
N GLY B 333 14.73 -4.37 -4.06
CA GLY B 333 16.02 -5.05 -4.03
C GLY B 333 17.19 -4.16 -3.70
N LEU B 334 17.05 -2.84 -3.72
CA LEU B 334 18.14 -1.94 -3.39
C LEU B 334 18.43 -1.99 -1.89
N PRO B 335 19.69 -1.84 -1.48
CA PRO B 335 19.97 -1.63 -0.05
C PRO B 335 19.21 -0.42 0.47
N HIS B 336 18.90 -0.44 1.76
CA HIS B 336 18.07 0.59 2.39
C HIS B 336 18.56 2.01 2.07
N ASP B 337 19.84 2.27 2.33
CA ASP B 337 20.38 3.62 2.14
C ASP B 337 20.28 4.07 0.69
N ARG B 338 20.55 3.15 -0.24
CA ARG B 338 20.56 3.49 -1.66
C ARG B 338 19.15 3.72 -2.19
N GLU B 339 18.15 3.03 -1.64
CA GLU B 339 16.78 3.31 -2.05
C GLU B 339 16.32 4.68 -1.55
N ARG B 340 16.70 5.06 -0.31
CA ARG B 340 16.37 6.39 0.18
C ARG B 340 16.99 7.47 -0.72
N ALA B 341 18.22 7.25 -1.18
CA ALA B 341 18.85 8.24 -2.06
C ALA B 341 18.11 8.33 -3.39
N LEU B 342 17.65 7.19 -3.92
CA LEU B 342 16.93 7.20 -5.18
C LEU B 342 15.58 7.91 -5.04
N LEU B 343 14.88 7.67 -3.94
CA LEU B 343 13.65 8.42 -3.68
C LEU B 343 13.90 9.91 -3.59
N LYS B 344 15.00 10.31 -2.95
CA LYS B 344 15.33 11.73 -2.88
C LYS B 344 15.54 12.30 -4.28
N LEU B 345 16.18 11.53 -5.17
CA LEU B 345 16.32 11.97 -6.55
C LEU B 345 14.97 12.18 -7.19
N LEU B 346 14.06 11.21 -7.03
CA LEU B 346 12.74 11.26 -7.65
C LEU B 346 11.95 12.48 -7.18
N GLU B 347 11.97 12.76 -5.87
CA GLU B 347 11.18 13.84 -5.27
C GLU B 347 11.85 15.20 -5.40
N GLY B 348 13.13 15.23 -5.70
CA GLY B 348 13.86 16.47 -5.67
C GLY B 348 13.68 17.29 -6.92
N PRO B 349 14.53 18.30 -7.07
CA PRO B 349 14.33 19.32 -8.12
C PRO B 349 14.67 18.85 -9.51
N ARG B 350 15.24 17.66 -9.68
CA ARG B 350 15.54 17.13 -11.02
C ARG B 350 14.37 16.38 -11.63
N PHE B 351 13.35 16.07 -10.82
CA PHE B 351 12.21 15.33 -11.28
C PHE B 351 10.96 15.92 -10.62
N CYS B 352 10.26 15.16 -9.79
CA CYS B 352 8.95 15.63 -9.34
C CYS B 352 9.01 16.94 -8.59
N GLY B 353 10.17 17.33 -8.07
CA GLY B 353 10.27 18.59 -7.37
C GLY B 353 10.72 19.76 -8.19
N HIS B 354 10.81 19.65 -9.51
CA HIS B 354 11.29 20.79 -10.30
C HIS B 354 10.30 21.94 -10.17
N PRO B 355 10.75 23.16 -9.84
CA PRO B 355 9.79 24.22 -9.47
C PRO B 355 8.86 24.68 -10.60
N ASP B 356 9.11 24.35 -11.87
CA ASP B 356 8.27 24.82 -12.95
C ASP B 356 7.23 23.79 -13.40
N LEU B 357 7.19 22.61 -12.78
CA LEU B 357 6.21 21.60 -13.19
C LEU B 357 4.81 22.03 -12.79
N LYS B 358 3.86 21.83 -13.68
CA LYS B 358 2.49 22.16 -13.31
C LYS B 358 1.95 21.15 -12.30
N TYR B 359 2.29 19.86 -12.45
CA TYR B 359 1.80 18.83 -11.55
C TYR B 359 2.97 18.13 -10.85
N GLY B 360 2.69 17.55 -9.68
CA GLY B 360 3.69 16.72 -9.02
C GLY B 360 3.76 15.35 -9.64
N LEU B 361 4.33 15.26 -10.85
CA LEU B 361 4.31 14.03 -11.64
C LEU B 361 5.70 13.82 -12.24
N ILE B 362 5.97 12.61 -12.70
CA ILE B 362 7.32 12.22 -13.11
C ILE B 362 7.48 12.58 -14.58
N PRO B 363 8.34 13.53 -14.93
CA PRO B 363 8.55 13.82 -16.35
C PRO B 363 9.39 12.72 -16.99
N SER B 364 9.19 12.51 -18.30
CA SER B 364 9.86 11.36 -18.91
C SER B 364 11.37 11.55 -18.97
N THR B 365 11.85 12.80 -19.09
CA THR B 365 13.26 13.13 -19.00
C THR B 365 13.40 14.30 -18.03
N SER B 366 14.50 14.32 -17.26
CA SER B 366 14.70 15.39 -16.29
C SER B 366 14.72 16.75 -16.99
N PRO B 367 13.94 17.72 -16.51
CA PRO B 367 14.00 19.08 -17.09
C PRO B 367 15.38 19.73 -17.02
N VAL B 368 16.26 19.28 -16.14
CA VAL B 368 17.57 19.91 -16.08
C VAL B 368 18.57 19.23 -17.00
N SER B 369 18.20 18.10 -17.60
CA SER B 369 19.09 17.41 -18.54
C SER B 369 19.22 18.17 -19.85
N ARG B 370 20.43 18.16 -20.42
CA ARG B 370 20.64 18.74 -21.74
C ARG B 370 19.78 18.06 -22.80
N ASP B 371 19.30 16.85 -22.53
CA ASP B 371 18.52 16.09 -23.50
C ASP B 371 17.06 16.47 -23.47
N PHE B 372 16.63 17.25 -22.47
CA PHE B 372 15.24 17.58 -22.24
C PHE B 372 14.69 18.44 -23.38
N ARG B 373 13.49 18.09 -23.85
CA ARG B 373 12.70 18.80 -24.85
C ARG B 373 11.26 18.70 -24.37
N PRO B 374 10.64 19.81 -23.99
CA PRO B 374 9.37 19.72 -23.23
C PRO B 374 8.17 19.24 -24.06
N ARG B 375 8.26 19.18 -25.39
CA ARG B 375 7.16 18.68 -26.20
C ARG B 375 7.46 17.36 -26.89
N GLU B 376 8.69 16.85 -26.82
CA GLU B 376 9.13 15.77 -27.73
C GLU B 376 8.99 14.39 -27.08
N TYR B 377 7.75 13.93 -26.98
CA TYR B 377 7.54 12.48 -26.83
C TYR B 377 8.15 12.00 -25.51
N TRP B 378 9.16 11.14 -25.52
CA TRP B 378 9.73 10.60 -24.29
C TRP B 378 10.93 11.39 -23.79
N ARG B 379 11.19 12.56 -24.38
CA ARG B 379 12.32 13.41 -24.04
C ARG B 379 11.96 14.49 -23.04
N GLY B 380 10.83 14.34 -22.31
CA GLY B 380 10.46 15.32 -21.31
C GLY B 380 9.01 15.30 -20.86
N PRO B 381 8.03 15.17 -21.82
CA PRO B 381 6.62 15.17 -21.42
C PRO B 381 6.26 14.19 -20.32
N VAL B 382 5.14 14.46 -19.66
CA VAL B 382 4.58 13.57 -18.65
C VAL B 382 3.57 12.65 -19.31
N TRP B 383 3.75 11.34 -19.12
CA TRP B 383 2.90 10.29 -19.71
C TRP B 383 2.01 9.70 -18.64
N PRO B 384 0.68 9.82 -18.75
CA PRO B 384 -0.21 9.18 -17.77
C PRO B 384 0.07 7.70 -17.54
N VAL B 385 0.53 6.98 -18.56
CA VAL B 385 0.72 5.55 -18.38
C VAL B 385 1.92 5.30 -17.47
N LEU B 386 2.92 6.17 -17.52
CA LEU B 386 4.03 6.04 -16.61
C LEU B 386 3.61 6.38 -15.19
N THR B 387 2.79 7.44 -15.03
CA THR B 387 2.25 7.77 -13.73
C THR B 387 1.49 6.58 -13.13
N TRP B 388 0.67 5.93 -13.96
CA TRP B 388 -0.13 4.83 -13.48
C TRP B 388 0.76 3.70 -13.01
N LEU B 389 1.77 3.36 -13.84
CA LEU B 389 2.65 2.25 -13.51
C LEU B 389 3.46 2.51 -12.24
N PHE B 390 4.00 3.74 -12.11
CA PHE B 390 4.72 4.08 -10.88
C PHE B 390 3.81 4.04 -9.67
N SER B 391 2.61 4.64 -9.78
N SER B 391 2.60 4.63 -9.79
CA SER B 391 1.71 4.67 -8.64
CA SER B 391 1.68 4.67 -8.66
C SER B 391 1.30 3.25 -8.23
C SER B 391 1.27 3.27 -8.25
N TRP B 392 1.04 2.39 -9.22
CA TRP B 392 0.61 1.04 -8.89
C TRP B 392 1.77 0.25 -8.25
N CYS B 393 2.98 0.37 -8.81
CA CYS B 393 4.12 -0.32 -8.21
C CYS B 393 4.46 0.24 -6.83
N PHE B 394 4.34 1.56 -6.65
CA PHE B 394 4.61 2.16 -5.33
C PHE B 394 3.64 1.63 -4.30
N ALA B 395 2.36 1.49 -4.67
CA ALA B 395 1.41 0.98 -3.69
C ALA B 395 1.77 -0.44 -3.29
N ARG B 396 2.26 -1.23 -4.24
CA ARG B 396 2.68 -2.59 -3.98
C ARG B 396 3.95 -2.64 -3.12
N ARG B 397 4.81 -1.61 -3.18
CA ARG B 397 5.93 -1.52 -2.24
C ARG B 397 5.47 -1.15 -0.84
N GLY B 398 4.21 -0.75 -0.68
CA GLY B 398 3.75 -0.25 0.60
C GLY B 398 3.83 1.25 0.79
N TRP B 399 4.17 2.00 -0.26
CA TRP B 399 4.30 3.47 -0.17
C TRP B 399 2.95 4.09 -0.50
N ALA B 400 2.03 3.93 0.45
CA ALA B 400 0.64 4.28 0.17
C ALA B 400 0.49 5.76 -0.16
N GLU B 401 1.11 6.62 0.66
CA GLU B 401 0.98 8.06 0.43
C GLU B 401 1.63 8.49 -0.89
N ARG B 402 2.84 7.98 -1.21
CA ARG B 402 3.46 8.33 -2.49
C ARG B 402 2.56 7.93 -3.65
N ALA B 403 2.01 6.72 -3.59
CA ALA B 403 1.12 6.25 -4.65
C ALA B 403 -0.10 7.15 -4.77
N ARG B 404 -0.67 7.53 -3.62
CA ARG B 404 -1.88 8.34 -3.64
C ARG B 404 -1.64 9.71 -4.25
N LEU B 405 -0.47 10.31 -3.97
CA LEU B 405 -0.14 11.62 -4.52
C LEU B 405 0.01 11.56 -6.04
N LEU B 406 0.64 10.50 -6.55
CA LEU B 406 0.76 10.36 -8.01
C LEU B 406 -0.61 10.19 -8.66
N ARG B 407 -1.46 9.36 -8.05
CA ARG B 407 -2.82 9.17 -8.56
C ARG B 407 -3.61 10.48 -8.54
N GLN B 408 -3.58 11.19 -7.41
CA GLN B 408 -4.25 12.47 -7.30
C GLN B 408 -3.82 13.45 -8.39
N GLU B 409 -2.51 13.64 -8.56
CA GLU B 409 -2.06 14.58 -9.58
C GLU B 409 -2.36 14.07 -10.99
N GLY B 410 -2.29 12.75 -11.20
CA GLY B 410 -2.61 12.21 -12.50
C GLY B 410 -4.07 12.48 -12.88
N LEU B 411 -4.98 12.35 -11.91
CA LEU B 411 -6.39 12.64 -12.16
C LEU B 411 -6.61 14.12 -12.44
N ARG B 412 -5.96 14.99 -11.65
CA ARG B 412 -6.08 16.42 -11.89
C ARG B 412 -5.60 16.77 -13.29
N GLN B 413 -4.45 16.20 -13.69
CA GLN B 413 -3.94 16.42 -15.05
C GLN B 413 -4.90 15.87 -16.11
N ALA B 414 -5.48 14.70 -15.87
CA ALA B 414 -6.35 14.07 -16.86
C ALA B 414 -7.74 14.70 -16.94
N SER B 415 -8.07 15.59 -16.02
CA SER B 415 -9.45 16.00 -15.86
C SER B 415 -9.92 17.00 -16.92
N ASP B 416 -9.07 17.36 -17.91
CA ASP B 416 -9.55 18.08 -19.07
C ASP B 416 -10.28 17.15 -20.05
N GLY B 417 -10.11 15.83 -19.91
CA GLY B 417 -10.78 14.87 -20.78
C GLY B 417 -10.22 14.76 -22.19
N SER B 418 -9.00 15.26 -22.43
CA SER B 418 -8.38 15.06 -23.73
C SER B 418 -7.90 13.62 -23.92
N PHE B 419 -7.60 12.93 -22.82
CA PHE B 419 -7.01 11.59 -22.85
C PHE B 419 -5.80 11.54 -23.77
N ALA B 420 -4.93 12.55 -23.63
CA ALA B 420 -3.68 12.58 -24.38
C ALA B 420 -2.71 11.52 -23.88
N ALA B 421 -1.84 11.09 -24.79
CA ALA B 421 -0.80 10.14 -24.41
C ALA B 421 0.25 10.80 -23.52
N TYR B 422 0.53 12.08 -23.73
CA TYR B 422 1.51 12.77 -22.88
C TYR B 422 1.16 14.25 -22.83
N TYR B 423 1.71 14.95 -21.81
CA TYR B 423 1.38 16.33 -21.51
C TYR B 423 2.64 17.16 -21.38
N GLU B 424 2.55 18.44 -21.76
CA GLU B 424 3.67 19.35 -21.59
C GLU B 424 3.94 19.54 -20.10
N PRO B 425 5.16 19.30 -19.63
CA PRO B 425 5.38 19.19 -18.17
C PRO B 425 5.24 20.51 -17.42
N PHE B 426 5.39 21.65 -18.09
CA PHE B 426 5.35 22.98 -17.48
C PHE B 426 3.98 23.63 -17.57
N THR B 427 3.34 23.54 -18.74
CA THR B 427 2.05 24.18 -18.98
C THR B 427 0.87 23.23 -18.83
N GLY B 428 1.11 21.92 -18.85
CA GLY B 428 0.02 20.96 -18.80
C GLY B 428 -0.73 20.78 -20.10
N GLU B 429 -0.27 21.40 -21.18
CA GLU B 429 -0.89 21.27 -22.49
C GLU B 429 -0.94 19.81 -22.92
N PRO B 430 -2.12 19.27 -23.25
CA PRO B 430 -2.18 17.93 -23.81
C PRO B 430 -1.48 17.91 -25.17
N LEU B 431 -0.72 16.85 -25.42
CA LEU B 431 0.15 16.80 -26.59
C LEU B 431 -0.06 15.50 -27.34
N GLY B 432 0.33 15.52 -28.60
CA GLY B 432 0.39 14.29 -29.38
C GLY B 432 -0.99 13.80 -29.77
N SER B 433 -1.13 12.49 -29.77
CA SER B 433 -2.41 11.87 -30.07
C SER B 433 -3.38 12.09 -28.92
N MET B 434 -4.57 12.61 -29.23
CA MET B 434 -5.65 12.57 -28.27
C MET B 434 -6.35 11.21 -28.35
N GLN B 435 -7.32 10.99 -27.46
CA GLN B 435 -8.18 9.80 -27.52
C GLN B 435 -7.37 8.52 -27.39
N GLN B 436 -6.33 8.56 -26.56
N GLN B 436 -6.31 8.57 -26.58
CA GLN B 436 -5.43 7.44 -26.37
CA GLN B 436 -5.45 7.41 -26.42
C GLN B 436 -6.05 6.46 -25.39
C GLN B 436 -6.07 6.45 -25.41
N SER B 437 -6.24 5.20 -25.81
CA SER B 437 -6.95 4.24 -24.98
C SER B 437 -6.30 4.04 -23.61
N TRP B 438 -4.96 3.98 -23.53
CA TRP B 438 -4.41 3.66 -22.20
C TRP B 438 -4.48 4.84 -21.24
N THR B 439 -4.63 6.07 -21.72
CA THR B 439 -4.87 7.17 -20.78
C THR B 439 -6.28 7.08 -20.19
N ALA B 440 -7.28 6.76 -21.03
CA ALA B 440 -8.63 6.49 -20.51
C ALA B 440 -8.61 5.33 -19.53
N ALA B 441 -7.84 4.28 -19.84
CA ALA B 441 -7.77 3.12 -18.94
C ALA B 441 -7.16 3.51 -17.59
N ALA B 442 -6.07 4.27 -17.60
CA ALA B 442 -5.48 4.74 -16.35
C ALA B 442 -6.51 5.49 -15.51
N VAL B 443 -7.26 6.40 -16.15
CA VAL B 443 -8.25 7.21 -15.44
C VAL B 443 -9.33 6.32 -14.85
N LEU B 444 -9.82 5.35 -15.63
CA LEU B 444 -10.86 4.46 -15.13
C LEU B 444 -10.37 3.65 -13.93
N ASP B 445 -9.12 3.20 -13.99
CA ASP B 445 -8.61 2.41 -12.87
C ASP B 445 -8.41 3.27 -11.63
N TRP B 446 -7.87 4.48 -11.80
CA TRP B 446 -7.69 5.39 -10.67
C TRP B 446 -9.02 5.77 -10.04
N LEU B 447 -10.01 6.11 -10.86
N LEU B 447 -10.08 5.88 -10.84
CA LEU B 447 -11.23 6.71 -10.31
CA LEU B 447 -11.42 6.09 -10.30
C LEU B 447 -11.96 5.71 -9.44
C LEU B 447 -12.08 4.76 -10.00
N GLY B 448 -11.89 4.43 -9.78
N GLY B 448 -13.03 4.37 -10.83
CA GLY B 448 -12.57 3.40 -9.01
CA GLY B 448 -13.84 3.18 -10.58
C GLY B 448 -14.04 3.77 -8.96
C GLY B 448 -13.10 1.88 -10.33
C1 GOL C . 16.50 11.06 24.44
O1 GOL C . 15.92 9.92 25.04
C2 GOL C . 17.29 10.75 23.17
O2 GOL C . 17.22 9.39 22.73
C3 GOL C . 16.78 11.72 22.11
O3 GOL C . 17.75 11.89 21.10
C1 GOL D . -13.32 -2.08 -7.38
O1 GOL D . -13.26 -0.70 -7.08
C2 GOL D . -11.97 -2.50 -7.95
O2 GOL D . -10.95 -1.54 -7.77
C3 GOL D . -11.48 -3.84 -7.41
O3 GOL D . -10.08 -3.79 -7.52
C1 GOL E . 1.73 -22.06 20.74
O1 GOL E . 1.09 -23.31 20.92
C2 GOL E . 2.82 -22.17 19.67
O2 GOL E . 2.58 -21.22 18.67
C3 GOL E . 4.20 -21.91 20.27
O3 GOL E . 5.13 -21.92 19.21
C1 GOL F . 16.46 -1.81 7.23
O1 GOL F . 15.08 -1.53 7.26
C2 GOL F . 17.18 -1.10 8.38
O2 GOL F . 17.97 -2.02 9.10
C3 GOL F . 18.10 -0.01 7.84
O3 GOL F . 19.12 0.20 8.80
C10 A0K G . -10.58 0.99 29.98
C6 A0K G . -11.53 4.42 25.59
C5 A0K G . -11.18 2.96 25.96
C4 A0K G . -10.34 2.28 24.85
C3 A0K G . -10.27 0.77 25.10
C2 A0K G . -11.61 0.12 25.40
C1 A0K G . -12.26 0.89 26.56
C09 A0K G . -11.69 1.33 28.96
C12 A0K G . -13.05 0.91 29.47
O5 A0K G . -12.43 2.27 26.21
O1 A0K G . -11.44 0.69 27.72
O11 A0K G . -9.32 1.49 29.62
O13 A0K G . -12.92 0.69 30.84
O2 A0K G . -11.47 -1.24 25.75
O3 A0K G . -9.62 0.08 24.06
O4 A0K G . -9.05 2.89 24.85
O6 A0K G . -12.24 4.50 24.36
C1 GOL H . -2.50 13.29 3.38
O1 GOL H . -2.11 11.95 3.57
C2 GOL H . -4.02 13.26 3.27
O2 GOL H . -4.49 11.95 3.04
C3 GOL H . -4.51 14.25 2.23
O3 GOL H . -5.63 13.65 1.61
C1 GOL I . 2.64 -25.19 -18.54
O1 GOL I . 2.38 -25.02 -17.16
C2 GOL I . 3.64 -24.14 -19.03
O2 GOL I . 4.82 -24.12 -18.24
C3 GOL I . 4.00 -24.48 -20.46
O3 GOL I . 4.98 -23.57 -20.89
C1 GOL J . 8.94 -15.22 -1.51
O1 GOL J . 8.56 -14.14 -2.33
C2 GOL J . 9.18 -16.44 -2.40
O2 GOL J . 10.56 -16.66 -2.56
C3 GOL J . 8.54 -17.68 -1.80
O3 GOL J . 9.11 -18.80 -2.42
C1 GOL K . 27.09 0.34 -12.50
O1 GOL K . 27.46 0.05 -11.16
C2 GOL K . 26.92 1.85 -12.67
O2 GOL K . 25.55 2.21 -12.73
C3 GOL K . 27.54 2.29 -13.98
O3 GOL K . 27.10 3.60 -14.27
C10 A0K L . 4.82 5.25 -32.15
C6 A0K L . 0.96 3.19 -29.06
C5 A0K L . 2.47 3.36 -28.94
C4 A0K L . 2.95 3.06 -27.48
C3 A0K L . 4.40 3.49 -27.34
C2 A0K L . 4.65 4.86 -27.88
C1 A0K L . 4.20 4.93 -29.34
C09 A0K L . 4.67 3.88 -31.51
C12 A0K L . 5.54 2.81 -32.21
O5 A0K L . 2.79 4.67 -29.41
O1 A0K L . 4.93 3.97 -30.11
O11 A0K L . 6.02 5.26 -32.88
O13 A0K L . 5.56 1.59 -31.49
O2 A0K L . 6.01 5.18 -27.78
O3 A0K L . 4.87 3.33 -26.03
O4 A0K L . 2.83 1.68 -27.22
O6 A0K L . 0.36 3.95 -28.05
#